data_8D40
#
_entry.id   8D40
#
_cell.length_a   305.653
_cell.length_b   90.356
_cell.length_c   94.949
_cell.angle_alpha   90.000
_cell.angle_beta   96.166
_cell.angle_gamma   90.000
#
_symmetry.space_group_name_H-M   'C 1 2 1'
#
loop_
_entity.id
_entity.type
_entity.pdbx_description
1 polymer 'Cadherin EGF LAG seven-pass G-type receptor 1'
2 non-polymer 'SODIUM ION'
3 non-polymer 'CALCIUM ION'
4 water water
#
_entity_poly.entity_id   1
_entity_poly.type   'polypeptide(L)'
_entity_poly.pdbx_seq_one_letter_code
;MGTSGRGSLKFPMPNYQVALFENEPAGTLILQLHAHYTIEGEEERVSYYMEGLFDERSRGYFRIDSATGAVSTDSVLDRE
TKETHVLRVKAVDYSTPPRSATTYITVLVKDTNDHSPVFEQSEYRERVRENLEVGYEVLTIRASDRDSPINANLRYRVLG
GAWDVFQLNESSGVVSTRAVLDREEAAEYQLLVEANDQGRNPGPLSATATVYIEVEDENDNYPQFSEQNYVVQVPEDVGL
NTAVLRVQATDRDQGQNAAIHYSILSGNVAGQFYLHSLSGILDVINPLDFEDVQKYSLSIKAQDGGRPPLINSSGVVSVQ
VLDVNDNEPIFVSSPFQATVLENVPLGYPVVHIQAVDADSGENARLHYRLVDTASTFLGGGSAGPKNPAPTPDFPFQIHN
SSGWITVCAELDREEVEHYSFGVEAVDHGSPPMSSSTSVSITVLDVNDNLEHHHHHH
;
_entity_poly.pdbx_strand_id   A,B
#
loop_
_chem_comp.id
_chem_comp.type
_chem_comp.name
_chem_comp.formula
CA non-polymer 'CALCIUM ION' 'Ca 2'
NA non-polymer 'SODIUM ION' 'Na 1'
#
# COMPACT_ATOMS: atom_id res chain seq x y z
N GLY A 5 53.46 -74.15 30.93
CA GLY A 5 54.67 -74.38 30.08
C GLY A 5 55.96 -74.43 30.88
N ARG A 6 57.09 -73.95 30.32
CA ARG A 6 58.40 -73.90 31.01
C ARG A 6 59.33 -72.89 30.32
N GLY A 7 60.25 -72.26 31.07
CA GLY A 7 61.17 -71.20 30.60
C GLY A 7 60.68 -69.78 30.90
N SER A 8 61.27 -68.77 30.25
CA SER A 8 60.91 -67.34 30.42
C SER A 8 59.67 -67.01 29.56
N LEU A 9 58.62 -66.44 30.18
CA LEU A 9 57.39 -65.98 29.46
C LEU A 9 57.69 -64.62 28.84
N LYS A 10 57.35 -64.49 27.55
CA LYS A 10 57.73 -63.34 26.68
C LYS A 10 56.58 -62.99 25.76
N PHE A 11 56.75 -61.88 25.06
CA PHE A 11 55.93 -61.45 23.91
C PHE A 11 56.86 -61.44 22.70
N PRO A 12 56.32 -61.61 21.48
CA PRO A 12 57.10 -61.43 20.25
C PRO A 12 58.01 -60.19 20.29
N MET A 13 57.46 -59.13 20.83
CA MET A 13 58.02 -57.77 20.71
C MET A 13 57.78 -57.08 22.04
N PRO A 14 58.72 -56.25 22.56
CA PRO A 14 58.50 -55.58 23.83
C PRO A 14 57.49 -54.43 23.69
N ASN A 15 57.26 -53.96 22.45
CA ASN A 15 56.44 -52.75 22.17
C ASN A 15 55.89 -52.73 20.71
N TYR A 16 54.75 -52.06 20.49
CA TYR A 16 54.02 -52.00 19.20
C TYR A 16 53.48 -50.59 18.96
N GLN A 17 53.41 -50.18 17.69
CA GLN A 17 52.95 -48.83 17.28
C GLN A 17 51.78 -49.01 16.33
N VAL A 18 50.64 -49.42 16.85
CA VAL A 18 49.37 -49.46 16.06
C VAL A 18 48.89 -48.01 15.86
N ALA A 19 47.94 -47.82 14.94
CA ALA A 19 47.33 -46.51 14.57
C ALA A 19 45.94 -46.75 13.96
N LEU A 20 44.89 -46.09 14.47
CA LEU A 20 43.51 -46.33 13.95
C LEU A 20 42.91 -44.99 13.48
N PHE A 21 41.61 -44.91 13.17
CA PHE A 21 41.05 -43.61 12.71
C PHE A 21 40.60 -42.85 13.95
N GLU A 22 39.92 -41.70 13.78
CA GLU A 22 39.32 -40.80 14.81
C GLU A 22 38.00 -41.33 15.36
N ASN A 23 37.03 -41.53 14.47
CA ASN A 23 35.73 -42.11 14.84
C ASN A 23 35.77 -43.53 14.33
N GLU A 24 35.80 -44.46 15.27
CA GLU A 24 35.79 -45.91 15.01
C GLU A 24 34.84 -46.57 15.98
N PRO A 25 33.73 -47.13 15.47
CA PRO A 25 32.67 -47.60 16.34
C PRO A 25 33.28 -48.41 17.50
N ALA A 26 32.82 -48.14 18.71
CA ALA A 26 33.27 -48.80 19.95
C ALA A 26 33.51 -50.31 19.70
N GLY A 27 34.59 -50.89 20.25
CA GLY A 27 34.88 -52.34 20.16
C GLY A 27 35.72 -52.66 18.95
N THR A 28 36.19 -51.63 18.25
CA THR A 28 37.08 -51.80 17.08
C THR A 28 38.36 -52.53 17.53
N LEU A 29 38.55 -53.77 17.09
CA LEU A 29 39.75 -54.59 17.41
C LEU A 29 41.01 -53.89 16.84
N ILE A 30 42.14 -53.98 17.53
CA ILE A 30 43.35 -53.09 17.36
C ILE A 30 44.63 -53.92 17.22
N LEU A 31 44.88 -54.80 18.19
CA LEU A 31 46.04 -55.73 18.26
C LEU A 31 45.59 -57.04 18.90
N GLN A 32 46.00 -58.19 18.32
CA GLN A 32 45.96 -59.53 18.97
C GLN A 32 47.36 -59.79 19.50
N LEU A 33 47.53 -59.81 20.82
CA LEU A 33 48.82 -60.09 21.50
C LEU A 33 48.81 -61.55 21.95
N HIS A 34 49.94 -62.22 21.76
CA HIS A 34 50.16 -63.60 22.25
C HIS A 34 51.56 -63.68 22.85
N ALA A 35 51.57 -63.86 24.18
CA ALA A 35 52.71 -64.39 24.98
C ALA A 35 53.08 -65.79 24.50
N HIS A 36 54.32 -66.23 24.77
CA HIS A 36 54.87 -67.54 24.32
C HIS A 36 56.02 -67.89 25.27
N TYR A 37 55.93 -69.01 25.98
CA TYR A 37 57.08 -69.55 26.76
C TYR A 37 58.22 -69.97 25.82
N THR A 38 59.48 -69.89 26.28
CA THR A 38 60.70 -70.29 25.52
C THR A 38 60.59 -71.77 25.11
N ILE A 39 60.15 -72.64 26.03
CA ILE A 39 59.85 -74.09 25.81
C ILE A 39 58.34 -74.28 25.82
N GLU A 40 57.73 -74.53 24.66
CA GLU A 40 56.24 -74.67 24.50
C GLU A 40 55.61 -75.37 25.71
N GLY A 41 54.62 -74.71 26.29
CA GLY A 41 53.90 -75.21 27.47
C GLY A 41 52.82 -76.20 27.08
N GLU A 42 52.80 -77.34 27.79
CA GLU A 42 51.72 -78.37 27.79
C GLU A 42 50.39 -77.70 28.20
N GLU A 43 50.42 -76.90 29.28
CA GLU A 43 49.21 -76.34 29.97
C GLU A 43 49.39 -74.83 30.16
N GLU A 44 49.75 -74.09 29.10
CA GLU A 44 49.99 -72.61 29.16
C GLU A 44 48.70 -72.05 29.80
N ARG A 45 48.75 -71.56 31.04
CA ARG A 45 47.57 -70.89 31.66
C ARG A 45 47.99 -69.45 31.99
N VAL A 46 47.41 -68.54 31.20
CA VAL A 46 47.89 -67.17 30.93
C VAL A 46 46.68 -66.23 31.02
N SER A 47 46.76 -65.25 31.91
CA SER A 47 45.85 -64.07 32.00
C SER A 47 46.56 -62.85 31.39
N TYR A 48 45.86 -62.14 30.53
CA TYR A 48 46.30 -60.80 30.11
C TYR A 48 45.66 -59.71 31.02
N TYR A 49 46.29 -58.54 31.03
CA TYR A 49 45.79 -57.34 31.74
C TYR A 49 46.48 -56.11 31.16
N MET A 50 46.01 -54.91 31.53
CA MET A 50 46.27 -53.64 30.80
C MET A 50 46.06 -52.47 31.73
N GLU A 51 46.79 -51.38 31.49
CA GLU A 51 46.60 -50.07 32.17
C GLU A 51 46.99 -48.93 31.23
N GLY A 52 46.70 -47.71 31.66
CA GLY A 52 47.16 -46.49 31.00
C GLY A 52 48.51 -46.13 31.57
N LEU A 53 49.53 -45.97 30.74
CA LEU A 53 50.89 -45.84 31.30
C LEU A 53 50.98 -44.59 32.20
N PHE A 54 50.16 -43.55 31.95
CA PHE A 54 50.29 -42.21 32.62
C PHE A 54 49.11 -41.89 33.57
N ASP A 55 47.89 -41.83 33.01
CA ASP A 55 46.63 -41.35 33.66
C ASP A 55 45.56 -42.44 33.52
N GLU A 56 44.74 -42.60 34.57
CA GLU A 56 43.75 -43.70 34.77
C GLU A 56 42.63 -43.65 33.70
N ARG A 57 42.31 -42.45 33.20
CA ARG A 57 41.15 -42.16 32.31
C ARG A 57 41.47 -42.57 30.85
N SER A 58 42.76 -42.62 30.48
CA SER A 58 43.25 -43.11 29.16
C SER A 58 43.10 -44.65 29.09
N ARG A 59 43.22 -45.35 30.23
CA ARG A 59 42.85 -46.79 30.36
C ARG A 59 41.39 -46.96 29.93
N GLY A 60 40.49 -46.10 30.42
CA GLY A 60 39.02 -46.21 30.36
C GLY A 60 38.48 -46.24 28.94
N TYR A 61 39.32 -45.88 27.97
CA TYR A 61 39.00 -45.81 26.51
C TYR A 61 39.36 -47.09 25.75
N PHE A 62 39.96 -48.10 26.39
CA PHE A 62 40.26 -49.39 25.73
C PHE A 62 39.75 -50.57 26.56
N ARG A 63 39.84 -51.79 26.03
CA ARG A 63 39.72 -53.04 26.81
C ARG A 63 40.68 -54.08 26.23
N ILE A 64 41.00 -55.08 27.07
CA ILE A 64 41.47 -56.42 26.63
C ILE A 64 40.50 -57.46 27.19
N ASP A 65 40.29 -58.53 26.39
CA ASP A 65 39.86 -59.90 26.76
C ASP A 65 40.96 -60.54 27.62
N SER A 66 40.79 -60.66 28.95
CA SER A 66 41.78 -61.26 29.88
C SER A 66 42.30 -62.60 29.34
N ALA A 67 41.40 -63.33 28.68
CA ALA A 67 41.56 -64.64 28.00
C ALA A 67 42.58 -64.61 26.87
N THR A 68 42.34 -63.83 25.82
CA THR A 68 43.28 -63.72 24.67
C THR A 68 43.93 -62.34 24.74
N GLY A 69 44.81 -62.04 23.80
CA GLY A 69 45.36 -60.67 23.71
C GLY A 69 44.43 -59.72 22.97
N ALA A 70 43.11 -59.86 23.08
CA ALA A 70 42.15 -58.99 22.35
C ALA A 70 42.29 -57.56 22.89
N VAL A 71 42.37 -56.57 22.01
CA VAL A 71 42.61 -55.14 22.37
C VAL A 71 41.66 -54.33 21.52
N SER A 72 40.59 -53.81 22.13
CA SER A 72 39.54 -53.05 21.44
C SER A 72 39.22 -51.76 22.21
N THR A 73 38.74 -50.75 21.46
CA THR A 73 38.20 -49.47 21.97
C THR A 73 37.01 -49.76 22.90
N ASP A 74 36.94 -49.16 24.09
CA ASP A 74 35.77 -49.16 25.02
C ASP A 74 34.88 -47.95 24.70
N SER A 75 35.26 -47.14 23.72
CA SER A 75 34.45 -45.98 23.25
C SER A 75 35.03 -45.46 21.94
N VAL A 76 34.23 -44.72 21.17
CA VAL A 76 34.69 -44.18 19.86
C VAL A 76 35.85 -43.26 20.22
N LEU A 77 36.92 -43.19 19.44
CA LEU A 77 38.05 -42.29 19.80
C LEU A 77 37.75 -40.88 19.28
N ASP A 78 38.70 -39.94 19.36
CA ASP A 78 38.63 -38.58 18.75
C ASP A 78 40.03 -37.97 18.87
N ARG A 79 40.58 -37.52 17.76
CA ARG A 79 41.99 -37.10 17.74
C ARG A 79 42.15 -35.79 18.50
N GLU A 80 41.27 -34.83 18.22
CA GLU A 80 41.32 -33.47 18.82
C GLU A 80 41.30 -33.60 20.34
N THR A 81 40.61 -34.61 20.90
CA THR A 81 40.58 -34.90 22.36
C THR A 81 41.96 -35.45 22.80
N LYS A 82 42.39 -36.62 22.29
CA LYS A 82 43.75 -37.19 22.47
C LYS A 82 44.24 -37.79 21.16
N GLU A 83 45.47 -37.43 20.80
CA GLU A 83 46.09 -37.75 19.49
C GLU A 83 46.88 -39.06 19.58
N THR A 84 47.29 -39.46 20.79
CA THR A 84 47.95 -40.74 21.12
C THR A 84 47.48 -41.21 22.50
N HIS A 85 47.08 -42.47 22.64
CA HIS A 85 47.12 -43.17 23.96
C HIS A 85 48.33 -44.09 23.97
N VAL A 86 48.87 -44.40 25.17
CA VAL A 86 49.96 -45.38 25.41
C VAL A 86 49.58 -46.29 26.59
N LEU A 87 49.50 -47.59 26.26
CA LEU A 87 48.95 -48.66 27.13
C LEU A 87 50.10 -49.58 27.50
N ARG A 88 50.03 -50.21 28.66
CA ARG A 88 51.04 -51.20 29.07
C ARG A 88 50.29 -52.46 29.46
N VAL A 89 50.60 -53.59 28.84
CA VAL A 89 49.87 -54.87 28.97
C VAL A 89 50.80 -55.91 29.59
N LYS A 90 50.29 -56.74 30.48
CA LYS A 90 51.12 -57.76 31.14
C LYS A 90 50.41 -59.11 31.09
N ALA A 91 51.19 -60.16 30.79
CA ALA A 91 50.77 -61.57 30.88
C ALA A 91 51.23 -62.14 32.22
N VAL A 92 50.41 -63.03 32.75
CA VAL A 92 50.56 -63.57 34.12
C VAL A 92 50.33 -65.08 34.07
N ASP A 93 51.02 -65.80 34.95
CA ASP A 93 51.07 -67.28 34.98
C ASP A 93 50.72 -67.72 36.41
N TYR A 94 50.15 -68.90 36.57
CA TYR A 94 49.77 -69.45 37.90
C TYR A 94 50.84 -70.40 38.42
N SER A 95 51.99 -70.50 37.74
CA SER A 95 53.18 -71.31 38.14
C SER A 95 53.58 -70.92 39.58
N THR A 96 54.14 -71.84 40.36
CA THR A 96 54.53 -71.52 41.76
C THR A 96 55.58 -70.42 41.82
N PRO A 97 56.57 -70.36 40.90
CA PRO A 97 57.31 -69.11 40.73
C PRO A 97 56.59 -68.26 39.67
N PRO A 98 55.56 -67.41 40.00
CA PRO A 98 54.64 -66.86 38.98
C PRO A 98 55.37 -66.04 37.91
N ARG A 99 54.94 -66.11 36.65
CA ARG A 99 55.73 -65.55 35.50
C ARG A 99 55.03 -64.33 34.87
N SER A 100 55.79 -63.30 34.46
CA SER A 100 55.23 -62.07 33.82
C SER A 100 56.06 -61.67 32.61
N ALA A 101 55.33 -61.41 31.53
CA ALA A 101 55.84 -60.79 30.31
C ALA A 101 55.14 -59.45 30.17
N THR A 102 55.89 -58.44 29.77
CA THR A 102 55.50 -57.02 29.94
C THR A 102 55.66 -56.32 28.60
N THR A 103 54.60 -55.70 28.05
CA THR A 103 54.63 -55.06 26.70
C THR A 103 53.90 -53.70 26.67
N TYR A 104 54.23 -52.85 25.69
CA TYR A 104 53.74 -51.45 25.54
C TYR A 104 53.10 -51.20 24.17
N ILE A 105 51.84 -50.73 24.12
CA ILE A 105 51.11 -50.28 22.90
C ILE A 105 51.18 -48.75 22.78
N THR A 106 51.65 -48.22 21.65
CA THR A 106 51.50 -46.80 21.23
C THR A 106 50.35 -46.75 20.22
N VAL A 107 49.11 -46.46 20.64
CA VAL A 107 48.00 -46.17 19.68
C VAL A 107 48.24 -44.74 19.18
N LEU A 108 47.89 -44.49 17.93
CA LEU A 108 48.00 -43.18 17.27
C LEU A 108 46.69 -42.93 16.52
N VAL A 109 45.87 -42.00 16.99
CA VAL A 109 44.53 -41.77 16.37
C VAL A 109 44.76 -40.95 15.10
N LYS A 110 43.97 -41.16 14.03
CA LYS A 110 44.12 -40.36 12.76
C LYS A 110 42.85 -39.53 12.55
N ASP A 111 42.95 -38.45 11.75
CA ASP A 111 41.83 -37.48 11.56
C ASP A 111 40.79 -38.04 10.57
N THR A 112 39.57 -37.49 10.61
CA THR A 112 38.41 -37.97 9.83
C THR A 112 37.49 -36.83 9.36
N ASN A 113 37.97 -35.58 9.22
CA ASN A 113 37.15 -34.39 8.89
C ASN A 113 35.81 -34.48 9.63
N ASP A 114 35.86 -34.57 10.96
CA ASP A 114 34.65 -34.56 11.82
C ASP A 114 34.11 -33.11 11.95
N HIS A 115 34.98 -32.09 12.08
CA HIS A 115 34.63 -30.64 12.22
C HIS A 115 34.46 -29.98 10.84
N SER A 116 33.56 -28.98 10.71
CA SER A 116 33.38 -28.12 9.49
C SER A 116 33.94 -26.72 9.74
N PRO A 117 34.35 -25.96 8.70
CA PRO A 117 35.01 -24.69 8.93
C PRO A 117 34.04 -23.78 9.68
N VAL A 118 34.58 -22.84 10.45
CA VAL A 118 33.82 -21.90 11.33
C VAL A 118 34.31 -20.48 11.03
N PHE A 119 33.39 -19.63 10.57
CA PHE A 119 33.65 -18.21 10.25
C PHE A 119 33.90 -17.44 11.55
N GLU A 120 34.97 -16.62 11.58
CA GLU A 120 35.33 -15.78 12.76
C GLU A 120 34.13 -14.87 13.10
N GLN A 121 33.34 -14.52 12.08
CA GLN A 121 32.14 -13.65 12.18
C GLN A 121 30.99 -14.29 11.40
N SER A 122 29.83 -14.53 12.03
CA SER A 122 28.69 -15.29 11.45
C SER A 122 28.24 -14.65 10.14
N GLU A 123 28.16 -13.32 10.12
CA GLU A 123 27.87 -12.50 8.91
C GLU A 123 28.72 -11.22 8.93
N TYR A 124 29.09 -10.71 7.77
CA TYR A 124 29.96 -9.53 7.63
C TYR A 124 29.10 -8.31 7.21
N ARG A 125 29.12 -7.24 8.02
CA ARG A 125 28.43 -5.93 7.76
C ARG A 125 29.41 -4.87 7.27
N GLU A 126 29.66 -4.82 5.96
CA GLU A 126 30.75 -4.00 5.38
C GLU A 126 30.18 -2.99 4.40
N ARG A 127 31.04 -2.10 3.89
CA ARG A 127 30.67 -0.85 3.17
C ARG A 127 31.78 -0.43 2.19
N VAL A 128 31.47 -0.28 0.91
CA VAL A 128 32.42 0.28 -0.10
C VAL A 128 31.88 1.63 -0.55
N ARG A 129 32.78 2.51 -0.98
CA ARG A 129 32.42 3.80 -1.60
C ARG A 129 32.33 3.61 -3.13
N GLU A 130 31.63 4.50 -3.82
CA GLU A 130 31.36 4.33 -5.27
C GLU A 130 32.43 5.09 -6.06
N ASN A 131 32.34 5.01 -7.38
CA ASN A 131 33.36 5.54 -8.32
C ASN A 131 34.74 5.29 -7.71
N LEU A 132 34.93 4.10 -7.10
CA LEU A 132 36.21 3.59 -6.55
C LEU A 132 36.84 2.64 -7.55
N GLU A 133 38.12 2.87 -7.84
CA GLU A 133 38.88 2.16 -8.89
C GLU A 133 38.68 0.64 -8.79
N VAL A 134 38.93 -0.06 -9.91
CA VAL A 134 38.71 -1.53 -10.04
C VAL A 134 39.68 -2.24 -9.08
N GLY A 135 39.38 -3.49 -8.73
CA GLY A 135 40.22 -4.33 -7.84
C GLY A 135 40.54 -3.61 -6.55
N TYR A 136 39.52 -3.14 -5.83
CA TYR A 136 39.74 -2.45 -4.53
C TYR A 136 39.52 -3.47 -3.44
N GLU A 137 40.45 -3.60 -2.52
CA GLU A 137 40.31 -4.60 -1.43
C GLU A 137 39.21 -4.10 -0.49
N VAL A 138 38.04 -4.76 -0.54
CA VAL A 138 36.81 -4.39 0.24
C VAL A 138 36.92 -4.86 1.69
N LEU A 139 37.35 -6.10 1.89
CA LEU A 139 37.13 -6.88 3.14
C LEU A 139 37.88 -8.21 3.03
N THR A 140 38.19 -8.92 4.13
CA THR A 140 38.70 -10.33 4.08
C THR A 140 37.97 -11.25 5.09
N ILE A 141 37.31 -12.29 4.57
CA ILE A 141 36.73 -13.42 5.34
C ILE A 141 37.83 -14.30 5.94
N ARG A 142 37.70 -14.72 7.19
CA ARG A 142 38.42 -15.93 7.71
C ARG A 142 37.47 -16.95 8.36
N ALA A 143 37.78 -18.22 8.16
CA ALA A 143 37.11 -19.32 8.88
C ALA A 143 38.19 -20.16 9.57
N SER A 144 37.81 -21.21 10.29
CA SER A 144 38.80 -22.10 10.94
C SER A 144 38.21 -23.50 11.18
N ASP A 145 38.98 -24.55 10.86
CA ASP A 145 38.54 -25.97 11.09
C ASP A 145 39.52 -26.61 12.08
N ARG A 146 39.05 -27.12 13.22
CA ARG A 146 39.95 -27.81 14.20
C ARG A 146 40.23 -29.23 13.72
N ASP A 147 40.85 -29.36 12.57
CA ASP A 147 41.07 -30.70 11.97
C ASP A 147 42.50 -30.74 11.44
N SER A 148 43.03 -31.94 11.27
CA SER A 148 44.38 -32.15 10.70
C SER A 148 44.44 -31.31 9.43
N PRO A 149 45.63 -30.83 8.99
CA PRO A 149 45.69 -29.77 7.99
C PRO A 149 44.99 -30.15 6.68
N ILE A 150 44.90 -31.44 6.38
CA ILE A 150 44.29 -31.95 5.12
C ILE A 150 42.76 -31.90 5.16
N ASN A 151 42.16 -31.80 6.34
CA ASN A 151 40.70 -31.59 6.50
C ASN A 151 40.45 -30.13 6.93
N ALA A 152 41.40 -29.24 6.62
CA ALA A 152 41.28 -27.79 6.86
C ALA A 152 42.06 -26.99 5.81
N ASN A 153 42.24 -27.53 4.60
CA ASN A 153 42.81 -26.78 3.47
C ASN A 153 41.68 -25.89 2.93
N LEU A 154 41.43 -24.74 3.56
CA LEU A 154 40.20 -23.92 3.29
C LEU A 154 40.21 -23.36 1.86
N ARG A 155 39.04 -23.37 1.19
CA ARG A 155 38.83 -22.73 -0.13
C ARG A 155 37.46 -22.08 -0.15
N TYR A 156 37.50 -20.74 -0.17
CA TYR A 156 36.36 -19.81 -0.20
C TYR A 156 35.91 -19.57 -1.65
N ARG A 157 34.65 -19.87 -1.97
CA ARG A 157 34.00 -19.60 -3.28
C ARG A 157 32.81 -18.71 -2.97
N VAL A 158 32.42 -17.82 -3.89
CA VAL A 158 31.13 -17.08 -3.73
C VAL A 158 30.05 -18.02 -4.26
N LEU A 159 29.38 -18.67 -3.31
CA LEU A 159 28.27 -19.61 -3.59
C LEU A 159 27.22 -18.93 -4.48
N GLY A 160 26.76 -17.71 -4.16
CA GLY A 160 25.77 -16.99 -5.00
C GLY A 160 25.79 -15.50 -4.72
N GLY A 161 24.95 -14.73 -5.42
CA GLY A 161 24.77 -13.27 -5.26
C GLY A 161 25.47 -12.50 -6.35
N ALA A 162 25.78 -11.20 -6.11
CA ALA A 162 26.88 -10.49 -6.80
C ALA A 162 28.01 -11.50 -6.82
N TRP A 163 28.37 -11.91 -8.03
CA TRP A 163 29.61 -12.65 -8.39
C TRP A 163 30.17 -11.87 -9.58
N ASP A 164 29.27 -11.47 -10.49
CA ASP A 164 29.47 -10.47 -11.56
C ASP A 164 30.23 -9.25 -11.00
N VAL A 165 29.92 -8.80 -9.78
CA VAL A 165 30.34 -7.46 -9.28
C VAL A 165 31.67 -7.57 -8.55
N PHE A 166 31.72 -8.35 -7.48
CA PHE A 166 32.94 -8.48 -6.63
C PHE A 166 33.65 -9.81 -6.87
N GLN A 167 34.92 -9.85 -6.44
CA GLN A 167 35.84 -10.99 -6.63
C GLN A 167 36.36 -11.43 -5.27
N LEU A 168 36.47 -12.75 -5.13
CA LEU A 168 36.97 -13.42 -3.92
C LEU A 168 38.25 -14.18 -4.31
N ASN A 169 39.31 -14.02 -3.53
CA ASN A 169 40.50 -14.88 -3.68
C ASN A 169 40.17 -16.23 -3.06
N GLU A 170 40.24 -17.31 -3.82
CA GLU A 170 39.83 -18.66 -3.35
C GLU A 170 40.60 -19.06 -2.08
N SER A 171 41.88 -18.67 -1.98
CA SER A 171 42.80 -19.03 -0.85
C SER A 171 42.78 -17.93 0.21
N SER A 172 43.18 -16.72 -0.19
CA SER A 172 43.30 -15.50 0.66
C SER A 172 41.98 -15.15 1.33
N GLY A 173 40.86 -15.30 0.64
CA GLY A 173 39.53 -15.03 1.22
C GLY A 173 39.32 -13.53 1.37
N VAL A 174 39.59 -12.79 0.30
CA VAL A 174 39.67 -11.31 0.31
C VAL A 174 38.73 -10.77 -0.78
N VAL A 175 37.63 -10.16 -0.37
CA VAL A 175 36.67 -9.51 -1.29
C VAL A 175 37.37 -8.33 -1.98
N SER A 176 37.16 -8.19 -3.29
CA SER A 176 37.73 -7.10 -4.11
C SER A 176 36.73 -6.68 -5.19
N THR A 177 36.49 -5.37 -5.38
CA THR A 177 35.64 -4.83 -6.47
C THR A 177 36.15 -5.38 -7.81
N ARG A 178 35.27 -5.82 -8.73
CA ARG A 178 35.68 -6.27 -10.08
C ARG A 178 35.41 -5.20 -11.13
N ALA A 179 34.72 -4.11 -10.77
CA ALA A 179 34.49 -2.90 -11.60
C ALA A 179 34.31 -1.68 -10.68
N VAL A 180 34.44 -0.49 -11.23
CA VAL A 180 34.06 0.75 -10.50
C VAL A 180 32.59 0.62 -10.03
N LEU A 181 32.30 0.96 -8.77
CA LEU A 181 30.92 0.88 -8.19
C LEU A 181 30.09 2.10 -8.63
N ASP A 182 28.79 2.11 -8.33
CA ASP A 182 27.89 3.27 -8.61
C ASP A 182 26.64 3.14 -7.75
N ARG A 183 26.58 3.83 -6.62
CA ARG A 183 25.48 3.68 -5.63
C ARG A 183 24.15 3.94 -6.33
N GLU A 184 24.06 4.94 -7.20
CA GLU A 184 22.78 5.35 -7.82
C GLU A 184 22.21 4.17 -8.65
N GLU A 185 23.08 3.32 -9.19
CA GLU A 185 22.76 2.05 -9.91
C GLU A 185 22.36 0.94 -8.93
N ALA A 186 23.05 0.87 -7.79
CA ALA A 186 23.24 -0.33 -6.94
C ALA A 186 23.41 0.08 -5.47
N ALA A 187 22.28 0.20 -4.78
CA ALA A 187 22.16 0.71 -3.39
C ALA A 187 23.10 -0.02 -2.43
N GLU A 188 22.92 -1.33 -2.36
CA GLU A 188 23.45 -2.27 -1.33
C GLU A 188 23.82 -3.58 -2.06
N TYR A 189 24.64 -4.42 -1.45
CA TYR A 189 24.99 -5.71 -2.07
C TYR A 189 24.82 -6.84 -1.08
N GLN A 190 24.38 -7.97 -1.63
CA GLN A 190 24.24 -9.25 -0.93
C GLN A 190 25.01 -10.31 -1.71
N LEU A 191 25.95 -10.95 -1.03
CA LEU A 191 26.68 -12.12 -1.55
C LEU A 191 26.88 -13.12 -0.40
N LEU A 192 26.65 -14.40 -0.72
CA LEU A 192 26.71 -15.56 0.19
C LEU A 192 27.96 -16.36 -0.20
N VAL A 193 28.97 -16.38 0.68
CA VAL A 193 30.26 -17.11 0.50
C VAL A 193 30.13 -18.53 1.04
N GLU A 194 31.18 -19.32 0.85
CA GLU A 194 31.25 -20.73 1.29
C GLU A 194 32.72 -21.00 1.60
N ALA A 195 32.99 -21.55 2.79
CA ALA A 195 34.34 -22.02 3.16
C ALA A 195 34.32 -23.54 3.15
N ASN A 196 35.21 -24.14 2.34
CA ASN A 196 35.23 -25.61 2.12
C ASN A 196 36.58 -26.19 2.57
N ASP A 197 36.52 -27.30 3.32
CA ASP A 197 37.66 -28.03 3.92
C ASP A 197 38.62 -28.53 2.86
N GLN A 198 38.10 -28.83 1.67
CA GLN A 198 38.79 -29.65 0.65
C GLN A 198 39.09 -30.98 1.36
N GLY A 199 38.15 -31.39 2.20
CA GLY A 199 38.28 -32.55 3.10
C GLY A 199 38.46 -33.84 2.34
N ARG A 200 39.13 -34.82 2.94
CA ARG A 200 39.62 -36.03 2.25
C ARG A 200 39.02 -37.26 2.92
N ASN A 201 39.27 -37.38 4.22
CA ASN A 201 39.10 -38.60 5.05
C ASN A 201 37.74 -39.29 4.98
N PRO A 202 36.58 -38.64 5.23
CA PRO A 202 35.31 -39.15 4.73
C PRO A 202 34.82 -38.41 3.47
N GLY A 203 35.51 -37.32 3.10
CA GLY A 203 35.00 -36.32 2.15
C GLY A 203 35.18 -34.90 2.68
N PRO A 204 34.65 -33.88 1.97
CA PRO A 204 34.85 -32.48 2.34
C PRO A 204 33.75 -32.02 3.28
N LEU A 205 33.94 -30.84 3.84
CA LEU A 205 32.94 -30.24 4.76
C LEU A 205 32.97 -28.71 4.57
N SER A 206 31.85 -28.04 4.84
CA SER A 206 31.72 -26.58 4.60
C SER A 206 30.54 -26.00 5.38
N ALA A 207 30.62 -24.67 5.57
CA ALA A 207 29.61 -23.74 6.13
C ALA A 207 29.75 -22.34 5.49
N THR A 208 28.66 -21.57 5.46
CA THR A 208 28.51 -20.31 4.68
C THR A 208 28.14 -19.11 5.57
N ALA A 209 28.42 -17.91 5.03
CA ALA A 209 28.19 -16.59 5.65
C ALA A 209 27.61 -15.64 4.62
N THR A 210 26.69 -14.78 5.06
CA THR A 210 26.14 -13.64 4.28
C THR A 210 27.00 -12.40 4.58
N VAL A 211 27.53 -11.79 3.51
CA VAL A 211 28.30 -10.51 3.50
C VAL A 211 27.41 -9.42 2.87
N TYR A 212 27.13 -8.39 3.67
CA TYR A 212 26.32 -7.21 3.33
C TYR A 212 27.30 -6.08 3.10
N ILE A 213 27.48 -5.76 1.83
CA ILE A 213 28.26 -4.59 1.40
C ILE A 213 27.25 -3.47 1.18
N GLU A 214 27.35 -2.35 1.91
CA GLU A 214 26.53 -1.13 1.69
C GLU A 214 27.38 -0.11 0.90
N VAL A 215 26.92 0.36 -0.26
CA VAL A 215 27.66 1.30 -1.16
C VAL A 215 27.52 2.73 -0.60
N GLU A 216 28.62 3.47 -0.43
CA GLU A 216 28.64 4.81 0.24
C GLU A 216 28.62 5.92 -0.82
N ASP A 217 27.94 7.03 -0.51
CA ASP A 217 27.53 8.05 -1.49
C ASP A 217 28.72 8.93 -1.87
N GLU A 218 28.60 9.67 -2.97
CA GLU A 218 29.57 10.67 -3.41
C GLU A 218 28.79 11.62 -4.32
N ASN A 219 28.96 12.93 -4.16
CA ASN A 219 28.32 13.95 -5.01
C ASN A 219 28.85 13.72 -6.41
N ASP A 220 28.04 13.10 -7.26
CA ASP A 220 28.43 12.64 -8.63
C ASP A 220 27.26 12.84 -9.60
N ASN A 221 26.05 13.11 -9.07
CA ASN A 221 24.84 13.49 -9.82
C ASN A 221 24.54 14.97 -9.57
N TYR A 222 24.43 15.77 -10.62
CA TYR A 222 23.91 17.16 -10.57
C TYR A 222 22.41 17.10 -10.30
N PRO A 223 21.80 18.18 -9.80
CA PRO A 223 20.36 18.21 -9.64
C PRO A 223 19.71 18.62 -10.97
N GLN A 224 18.80 17.80 -11.50
CA GLN A 224 18.11 18.09 -12.78
C GLN A 224 16.80 18.84 -12.46
N PHE A 225 16.51 19.90 -13.23
CA PHE A 225 15.26 20.70 -13.11
C PHE A 225 14.09 19.89 -13.64
N SER A 226 12.97 19.85 -12.91
CA SER A 226 11.76 19.06 -13.26
C SER A 226 11.31 19.34 -14.70
N GLU A 227 10.86 20.56 -15.00
CA GLU A 227 10.44 20.95 -16.37
C GLU A 227 11.66 21.62 -17.02
N GLN A 228 11.82 21.51 -18.33
CA GLN A 228 12.98 22.13 -19.04
C GLN A 228 12.88 23.66 -18.95
N ASN A 229 11.91 24.21 -19.68
CA ASN A 229 11.51 25.64 -19.60
C ASN A 229 10.14 25.73 -18.92
N TYR A 230 10.10 26.26 -17.70
CA TYR A 230 8.86 26.41 -16.90
C TYR A 230 8.08 27.62 -17.41
N VAL A 231 7.09 27.42 -18.28
CA VAL A 231 6.20 28.50 -18.81
C VAL A 231 5.10 28.80 -17.78
N VAL A 232 4.72 30.08 -17.69
CA VAL A 232 3.91 30.68 -16.59
C VAL A 232 3.33 32.02 -17.05
N GLN A 233 2.19 32.42 -16.48
CA GLN A 233 1.35 33.53 -17.00
C GLN A 233 0.81 34.37 -15.85
N VAL A 234 1.10 35.68 -15.79
CA VAL A 234 0.51 36.50 -14.70
C VAL A 234 -0.35 37.64 -15.25
N PRO A 235 -1.52 37.87 -14.64
CA PRO A 235 -2.22 39.14 -14.83
C PRO A 235 -1.35 40.29 -14.35
N GLU A 236 -1.24 41.38 -15.10
CA GLU A 236 -0.59 42.60 -14.56
C GLU A 236 -1.22 42.92 -13.19
N ASP A 237 -2.51 42.59 -12.99
CA ASP A 237 -3.39 43.07 -11.87
C ASP A 237 -3.15 42.26 -10.59
N VAL A 238 -2.30 41.24 -10.64
CA VAL A 238 -2.02 40.27 -9.53
C VAL A 238 -1.74 41.00 -8.21
N GLY A 239 -2.16 40.42 -7.07
CA GLY A 239 -1.92 41.01 -5.73
C GLY A 239 -0.52 40.68 -5.24
N LEU A 240 0.04 41.45 -4.30
CA LEU A 240 1.47 41.34 -3.90
C LEU A 240 1.73 40.06 -3.10
N ASN A 241 3.00 39.68 -2.98
CA ASN A 241 3.52 38.51 -2.21
C ASN A 241 2.71 37.28 -2.57
N THR A 242 2.29 37.20 -3.82
CA THR A 242 1.44 36.09 -4.28
C THR A 242 2.33 35.09 -5.02
N ALA A 243 2.17 33.80 -4.74
CA ALA A 243 2.90 32.70 -5.38
C ALA A 243 2.46 32.54 -6.84
N VAL A 244 3.34 32.04 -7.70
CA VAL A 244 3.17 31.98 -9.18
C VAL A 244 3.65 30.62 -9.67
N LEU A 245 4.75 30.11 -9.09
CA LEU A 245 5.33 28.80 -9.46
C LEU A 245 6.17 28.18 -8.34
N ARG A 246 6.27 26.84 -8.33
CA ARG A 246 7.06 26.06 -7.36
C ARG A 246 8.11 25.27 -8.14
N VAL A 247 9.08 25.99 -8.71
CA VAL A 247 10.31 25.41 -9.35
C VAL A 247 10.78 24.26 -8.46
N GLN A 248 10.98 23.06 -9.02
CA GLN A 248 11.54 21.91 -8.27
C GLN A 248 12.60 21.22 -9.14
N ALA A 249 13.68 20.71 -8.54
CA ALA A 249 14.68 19.84 -9.18
C ALA A 249 14.94 18.64 -8.27
N THR A 250 15.59 17.58 -8.76
CA THR A 250 15.86 16.36 -7.95
C THR A 250 17.28 15.86 -8.18
N ASP A 251 17.89 15.29 -7.14
CA ASP A 251 19.30 14.85 -7.13
C ASP A 251 19.33 13.36 -6.83
N ARG A 252 19.64 12.55 -7.83
CA ARG A 252 19.68 11.08 -7.68
C ARG A 252 20.58 10.67 -6.52
N ASP A 253 21.49 11.56 -6.08
CA ASP A 253 22.38 11.27 -4.93
C ASP A 253 21.55 11.21 -3.65
N GLN A 254 22.22 11.02 -2.51
CA GLN A 254 21.61 10.80 -1.18
C GLN A 254 22.12 11.81 -0.17
N GLY A 255 21.49 11.89 1.00
CA GLY A 255 21.88 12.80 2.10
C GLY A 255 21.98 14.24 1.62
N GLN A 256 22.87 15.03 2.21
CA GLN A 256 23.03 16.43 1.79
C GLN A 256 23.39 16.51 0.31
N ASN A 257 23.99 15.50 -0.31
CA ASN A 257 24.30 15.57 -1.77
C ASN A 257 23.02 15.72 -2.61
N ALA A 258 21.82 15.54 -2.03
CA ALA A 258 20.55 15.79 -2.75
C ALA A 258 19.90 17.08 -2.25
N ALA A 259 20.14 17.50 -1.01
CA ALA A 259 19.71 18.81 -0.45
C ALA A 259 19.93 19.91 -1.48
N ILE A 260 18.88 20.62 -1.90
CA ILE A 260 18.96 21.66 -2.98
C ILE A 260 18.58 23.03 -2.40
N HIS A 261 19.17 24.11 -2.92
CA HIS A 261 18.65 25.50 -2.76
C HIS A 261 18.65 26.23 -4.11
N TYR A 262 17.52 26.87 -4.40
CA TYR A 262 17.23 27.63 -5.64
C TYR A 262 17.50 29.12 -5.43
N SER A 263 17.63 29.87 -6.54
CA SER A 263 18.06 31.29 -6.58
C SER A 263 18.11 31.83 -8.02
N ILE A 264 17.89 33.13 -8.19
CA ILE A 264 17.78 33.72 -9.55
C ILE A 264 19.16 34.17 -10.02
N LEU A 265 19.50 33.97 -11.28
CA LEU A 265 20.77 34.49 -11.83
C LEU A 265 20.51 35.75 -12.63
N SER A 266 19.32 35.93 -13.19
CA SER A 266 19.15 36.93 -14.25
C SER A 266 17.70 37.16 -14.51
N GLY A 267 17.34 38.42 -14.76
CA GLY A 267 16.01 38.78 -15.27
C GLY A 267 15.14 39.31 -14.17
N ASN A 268 15.50 39.13 -12.91
CA ASN A 268 14.64 39.67 -11.83
C ASN A 268 15.34 40.91 -11.30
N VAL A 269 15.84 41.74 -12.20
CA VAL A 269 16.26 43.11 -11.82
C VAL A 269 14.96 43.87 -11.66
N ALA A 270 14.96 44.96 -10.91
CA ALA A 270 13.72 45.67 -10.55
C ALA A 270 12.74 44.67 -9.90
N GLY A 271 13.21 43.97 -8.86
CA GLY A 271 12.44 43.14 -7.92
C GLY A 271 11.37 42.33 -8.63
N GLN A 272 10.13 42.46 -8.16
CA GLN A 272 8.91 41.98 -8.86
C GLN A 272 8.83 40.46 -8.85
N PHE A 273 9.71 39.78 -8.11
CA PHE A 273 9.77 38.30 -7.97
C PHE A 273 10.76 38.04 -6.84
N TYR A 274 10.46 37.08 -6.00
CA TYR A 274 11.34 36.63 -4.90
C TYR A 274 11.32 35.11 -4.98
N LEU A 275 12.47 34.47 -4.84
CA LEU A 275 12.50 32.99 -4.87
C LEU A 275 12.84 32.48 -3.48
N HIS A 276 11.91 31.78 -2.86
CA HIS A 276 12.13 31.13 -1.55
C HIS A 276 13.16 30.04 -1.81
N SER A 277 14.35 30.11 -1.21
CA SER A 277 15.55 29.33 -1.62
C SER A 277 15.32 27.82 -1.42
N LEU A 278 14.46 27.41 -0.47
CA LEU A 278 14.19 25.97 -0.17
C LEU A 278 12.86 25.46 -0.77
N SER A 279 11.78 26.26 -0.70
CA SER A 279 10.48 26.03 -1.38
C SER A 279 10.67 25.66 -2.85
N GLY A 280 11.43 26.53 -3.52
CA GLY A 280 11.50 26.67 -4.98
C GLY A 280 10.34 27.50 -5.50
N ILE A 281 9.90 28.50 -4.73
CA ILE A 281 8.58 29.14 -4.91
C ILE A 281 8.73 30.62 -5.27
N LEU A 282 8.13 30.98 -6.39
CA LEU A 282 8.29 32.27 -7.09
C LEU A 282 7.10 33.13 -6.71
N ASP A 283 7.32 34.31 -6.15
CA ASP A 283 6.24 35.20 -5.67
C ASP A 283 6.45 36.58 -6.27
N VAL A 284 5.55 37.03 -7.13
CA VAL A 284 5.55 38.49 -7.45
C VAL A 284 5.45 39.26 -6.13
N ILE A 285 6.34 40.22 -5.92
CA ILE A 285 6.50 40.86 -4.60
C ILE A 285 6.33 42.38 -4.79
N ASN A 286 5.99 42.81 -6.01
CA ASN A 286 5.78 44.25 -6.37
C ASN A 286 4.87 44.38 -7.59
N PRO A 287 4.23 45.54 -7.84
CA PRO A 287 3.28 45.64 -8.96
C PRO A 287 3.91 45.29 -10.31
N LEU A 288 3.16 44.57 -11.15
CA LEU A 288 3.48 44.38 -12.58
C LEU A 288 2.65 45.37 -13.39
N ASP A 289 3.17 45.81 -14.52
CA ASP A 289 2.44 46.67 -15.49
C ASP A 289 2.75 46.15 -16.88
N PHE A 290 1.76 45.62 -17.58
CA PHE A 290 1.92 45.03 -18.93
C PHE A 290 2.49 46.07 -19.91
N GLU A 291 2.03 47.32 -19.79
CA GLU A 291 2.45 48.46 -20.63
C GLU A 291 3.90 48.87 -20.37
N ASP A 292 4.49 48.50 -19.22
CA ASP A 292 5.93 48.71 -18.95
C ASP A 292 6.73 47.52 -19.53
N VAL A 293 6.48 46.31 -19.02
CA VAL A 293 7.12 45.04 -19.45
C VAL A 293 6.08 43.91 -19.51
N GLN A 294 5.98 43.24 -20.67
CA GLN A 294 4.97 42.18 -20.97
C GLN A 294 5.50 40.78 -20.66
N LYS A 295 6.77 40.60 -20.28
CA LYS A 295 7.45 39.28 -20.39
C LYS A 295 8.67 39.28 -19.49
N TYR A 296 8.87 38.28 -18.65
CA TYR A 296 10.19 38.03 -18.02
C TYR A 296 10.64 36.70 -18.56
N SER A 297 11.92 36.37 -18.40
CA SER A 297 12.40 34.97 -18.40
C SER A 297 13.65 35.01 -17.59
N LEU A 298 13.67 34.27 -16.51
CA LEU A 298 14.71 34.52 -15.51
C LEU A 298 15.32 33.16 -15.21
N SER A 299 16.64 33.11 -15.23
CA SER A 299 17.47 31.89 -15.13
C SER A 299 17.52 31.52 -13.67
N ILE A 300 17.53 30.23 -13.42
CA ILE A 300 17.35 29.76 -12.05
C ILE A 300 18.45 28.73 -11.77
N LYS A 301 18.97 28.69 -10.55
CA LYS A 301 20.20 27.92 -10.26
C LYS A 301 19.92 27.00 -9.06
N ALA A 302 20.08 25.70 -9.28
CA ALA A 302 19.85 24.64 -8.28
C ALA A 302 21.20 24.07 -7.81
N GLN A 303 21.41 23.99 -6.49
CA GLN A 303 22.74 23.60 -5.96
C GLN A 303 22.59 22.49 -4.91
N ASP A 304 23.44 21.44 -5.02
CA ASP A 304 23.62 20.33 -4.03
C ASP A 304 24.15 20.91 -2.74
N GLY A 305 24.35 20.05 -1.75
CA GLY A 305 24.97 20.44 -0.48
C GLY A 305 26.20 19.64 -0.24
N GLY A 306 26.87 19.15 -1.29
CA GLY A 306 28.01 18.22 -1.17
C GLY A 306 29.24 18.94 -0.70
N ARG A 307 30.27 18.19 -0.28
CA ARG A 307 31.68 18.65 -0.06
C ARG A 307 32.05 19.53 -1.23
N PRO A 308 32.17 18.96 -2.45
CA PRO A 308 32.05 19.75 -3.66
C PRO A 308 30.58 19.71 -4.08
N PRO A 309 29.81 20.77 -3.77
CA PRO A 309 28.45 20.87 -4.24
C PRO A 309 28.44 20.89 -5.76
N LEU A 310 27.38 20.43 -6.39
CA LEU A 310 27.22 20.59 -7.86
C LEU A 310 26.16 21.64 -8.19
N ILE A 311 26.06 22.06 -9.43
CA ILE A 311 25.17 23.19 -9.77
C ILE A 311 24.55 23.01 -11.15
N ASN A 312 23.29 23.41 -11.28
CA ASN A 312 22.55 23.37 -12.55
C ASN A 312 21.94 24.75 -12.73
N SER A 313 22.65 25.63 -13.42
CA SER A 313 22.28 27.05 -13.67
C SER A 313 21.60 27.20 -15.04
N SER A 314 21.08 26.10 -15.56
CA SER A 314 20.33 26.05 -16.83
C SER A 314 18.83 26.15 -16.55
N GLY A 315 18.44 26.93 -15.55
CA GLY A 315 17.05 27.02 -15.12
C GLY A 315 16.40 28.13 -15.89
N VAL A 316 15.17 27.92 -16.30
CA VAL A 316 14.47 28.93 -17.11
C VAL A 316 13.04 28.95 -16.66
N VAL A 317 12.56 30.13 -16.27
CA VAL A 317 11.13 30.36 -16.01
C VAL A 317 10.74 31.49 -16.92
N SER A 318 10.29 31.19 -18.15
CA SER A 318 9.74 32.21 -19.07
C SER A 318 8.36 32.60 -18.52
N VAL A 319 8.22 33.85 -18.11
CA VAL A 319 6.99 34.43 -17.51
C VAL A 319 6.32 35.21 -18.64
N GLN A 320 5.00 35.29 -18.65
CA GLN A 320 4.24 36.11 -19.62
C GLN A 320 3.15 36.86 -18.87
N VAL A 321 3.30 38.16 -18.79
CA VAL A 321 2.27 39.07 -18.26
C VAL A 321 1.09 39.10 -19.25
N LEU A 322 -0.11 39.39 -18.72
CA LEU A 322 -1.41 39.47 -19.44
C LEU A 322 -2.06 40.83 -19.12
N ASP A 323 -2.59 41.51 -20.16
CA ASP A 323 -3.16 42.88 -20.07
C ASP A 323 -4.45 42.89 -19.24
N VAL A 324 -4.82 44.05 -18.74
CA VAL A 324 -6.12 44.28 -18.04
C VAL A 324 -6.55 45.71 -18.34
N ASN A 325 -7.86 46.01 -18.31
CA ASN A 325 -8.40 47.37 -18.59
C ASN A 325 -8.08 48.31 -17.44
N ASP A 326 -6.80 48.64 -17.24
CA ASP A 326 -6.30 49.64 -16.26
C ASP A 326 -6.27 51.00 -16.95
N ASN A 327 -6.09 51.02 -18.27
CA ASN A 327 -6.06 52.26 -19.08
C ASN A 327 -7.40 52.50 -19.77
N GLU A 328 -7.77 53.78 -19.77
CA GLU A 328 -9.02 54.35 -20.30
C GLU A 328 -8.70 55.07 -21.61
N PRO A 329 -9.52 54.93 -22.66
CA PRO A 329 -9.36 55.73 -23.87
C PRO A 329 -9.03 57.19 -23.56
N ILE A 330 -8.30 57.88 -24.43
CA ILE A 330 -7.82 59.27 -24.20
C ILE A 330 -7.43 59.94 -25.54
N PHE A 331 -7.97 61.14 -25.80
CA PHE A 331 -8.15 61.75 -27.16
C PHE A 331 -6.82 62.30 -27.67
N VAL A 332 -6.68 62.52 -28.97
CA VAL A 332 -5.57 63.33 -29.54
C VAL A 332 -5.60 64.71 -28.90
N SER A 333 -6.72 65.41 -29.03
CA SER A 333 -6.87 66.84 -28.64
C SER A 333 -8.29 67.06 -28.15
N SER A 334 -8.51 67.18 -26.82
CA SER A 334 -9.85 67.22 -26.15
C SER A 334 -10.71 68.37 -26.70
N PRO A 335 -10.14 69.57 -26.96
CA PRO A 335 -10.84 70.58 -27.76
C PRO A 335 -10.84 70.21 -29.27
N PHE A 336 -12.01 69.84 -29.84
CA PHE A 336 -12.21 69.43 -31.27
C PHE A 336 -12.96 70.52 -32.06
N GLN A 337 -12.30 71.12 -33.07
CA GLN A 337 -12.80 72.30 -33.81
C GLN A 337 -13.02 71.96 -35.27
N ALA A 338 -14.10 72.47 -35.83
CA ALA A 338 -14.57 72.11 -37.17
C ALA A 338 -15.16 73.33 -37.87
N THR A 339 -15.05 73.36 -39.19
CA THR A 339 -15.57 74.44 -40.05
C THR A 339 -16.02 73.74 -41.33
N VAL A 340 -17.28 73.33 -41.39
CA VAL A 340 -17.89 72.69 -42.60
C VAL A 340 -18.58 73.76 -43.46
N LEU A 341 -18.37 73.74 -44.78
CA LEU A 341 -19.14 74.57 -45.76
C LEU A 341 -20.60 74.12 -45.74
N GLU A 342 -21.57 74.93 -46.21
CA GLU A 342 -22.99 74.50 -46.22
C GLU A 342 -23.29 73.75 -47.53
N ASN A 343 -22.60 74.14 -48.60
CA ASN A 343 -22.78 73.58 -49.96
C ASN A 343 -22.02 72.25 -50.08
N VAL A 344 -21.24 71.82 -49.07
CA VAL A 344 -20.53 70.50 -49.13
C VAL A 344 -21.57 69.40 -49.35
N PRO A 345 -21.23 68.40 -50.16
CA PRO A 345 -22.17 67.31 -50.46
C PRO A 345 -22.42 66.37 -49.28
N LEU A 346 -23.45 65.54 -49.42
CA LEU A 346 -23.84 64.51 -48.43
C LEU A 346 -22.70 63.51 -48.29
N GLY A 347 -22.49 62.93 -47.10
CA GLY A 347 -21.48 61.88 -46.85
C GLY A 347 -20.06 62.41 -46.98
N TYR A 348 -19.83 63.63 -46.48
CA TYR A 348 -18.57 64.40 -46.58
C TYR A 348 -17.85 64.43 -45.24
N PRO A 349 -16.55 64.08 -45.20
CA PRO A 349 -15.77 64.10 -43.97
C PRO A 349 -15.49 65.51 -43.41
N VAL A 350 -15.92 65.74 -42.17
CA VAL A 350 -15.83 67.05 -41.49
C VAL A 350 -14.58 67.06 -40.64
N VAL A 351 -14.48 66.08 -39.76
CA VAL A 351 -13.44 66.05 -38.70
C VAL A 351 -13.11 64.58 -38.38
N HIS A 352 -11.95 64.31 -37.80
CA HIS A 352 -11.50 62.94 -37.44
C HIS A 352 -11.33 62.90 -35.92
N ILE A 353 -12.27 62.25 -35.23
CA ILE A 353 -12.17 61.96 -33.77
C ILE A 353 -11.16 60.83 -33.58
N GLN A 354 -10.08 61.10 -32.85
CA GLN A 354 -8.97 60.15 -32.66
C GLN A 354 -8.66 60.07 -31.16
N ALA A 355 -8.77 58.89 -30.57
CA ALA A 355 -8.32 58.58 -29.19
C ALA A 355 -7.45 57.32 -29.21
N VAL A 356 -6.88 56.95 -28.07
CA VAL A 356 -5.79 55.94 -27.95
C VAL A 356 -5.94 55.23 -26.62
N ASP A 357 -5.95 53.89 -26.56
CA ASP A 357 -5.81 53.14 -25.28
C ASP A 357 -4.41 52.48 -25.22
N ALA A 358 -3.59 52.88 -24.23
CA ALA A 358 -2.31 52.26 -23.82
C ALA A 358 -2.45 50.73 -23.69
N ASP A 359 -3.58 50.26 -23.17
CA ASP A 359 -3.90 48.82 -23.03
C ASP A 359 -3.79 48.12 -24.37
N SER A 360 -3.76 46.81 -24.34
CA SER A 360 -3.13 46.08 -25.45
C SER A 360 -4.19 45.48 -26.35
N GLY A 361 -5.14 44.68 -25.87
CA GLY A 361 -5.82 43.78 -26.82
C GLY A 361 -7.10 44.34 -27.46
N GLU A 362 -8.17 44.08 -26.76
CA GLU A 362 -9.51 44.61 -27.04
C GLU A 362 -9.72 45.73 -26.02
N ASN A 363 -8.80 45.80 -25.09
CA ASN A 363 -8.73 46.84 -24.05
C ASN A 363 -8.19 48.09 -24.74
N ALA A 364 -7.73 47.93 -25.99
CA ALA A 364 -7.27 49.02 -26.87
C ALA A 364 -8.28 49.32 -27.96
N ARG A 365 -8.95 48.31 -28.51
CA ARG A 365 -9.80 48.51 -29.71
C ARG A 365 -10.95 49.47 -29.37
N LEU A 366 -11.11 50.54 -30.12
CA LEU A 366 -12.04 51.64 -29.78
C LEU A 366 -13.29 51.61 -30.67
N HIS A 367 -14.47 51.74 -30.04
CA HIS A 367 -15.77 52.05 -30.67
C HIS A 367 -16.09 53.52 -30.33
N TYR A 368 -16.20 54.35 -31.36
CA TYR A 368 -16.65 55.75 -31.24
C TYR A 368 -18.18 55.80 -31.23
N ARG A 369 -18.70 56.84 -30.57
CA ARG A 369 -20.16 57.13 -30.48
C ARG A 369 -20.30 58.62 -30.22
N LEU A 370 -21.46 59.16 -30.58
CA LEU A 370 -21.75 60.59 -30.49
C LEU A 370 -22.73 60.86 -29.33
N VAL A 371 -22.59 61.97 -28.54
CA VAL A 371 -23.54 62.38 -27.44
C VAL A 371 -24.12 63.80 -27.66
N ASP A 372 -25.36 63.93 -28.13
CA ASP A 372 -25.96 65.23 -28.57
C ASP A 372 -26.04 66.24 -27.42
N ASP A 393 -33.20 66.06 -36.00
CA ASP A 393 -32.86 66.95 -37.14
C ASP A 393 -31.35 67.14 -37.27
N PHE A 394 -30.54 66.29 -36.61
CA PHE A 394 -29.06 66.41 -36.44
C PHE A 394 -28.38 66.04 -37.75
N PRO A 395 -27.52 66.91 -38.32
CA PRO A 395 -26.98 66.74 -39.67
C PRO A 395 -25.69 65.91 -39.80
N PHE A 396 -25.21 65.31 -38.71
CA PHE A 396 -23.92 64.57 -38.69
C PHE A 396 -24.12 63.12 -38.25
N GLN A 397 -23.18 62.29 -38.66
CA GLN A 397 -23.08 60.86 -38.34
C GLN A 397 -21.60 60.59 -38.07
N ILE A 398 -21.32 59.54 -37.31
CA ILE A 398 -19.94 59.15 -36.95
C ILE A 398 -19.70 57.69 -37.37
N HIS A 399 -18.57 57.42 -38.02
CA HIS A 399 -17.99 56.05 -38.21
C HIS A 399 -17.54 55.50 -36.85
N ASN A 400 -18.13 54.40 -36.43
CA ASN A 400 -17.81 53.66 -35.19
C ASN A 400 -16.34 53.19 -35.13
N SER A 401 -15.62 53.12 -36.26
CA SER A 401 -14.25 52.52 -36.36
C SER A 401 -13.24 53.60 -36.70
N SER A 402 -13.48 54.28 -37.82
CA SER A 402 -12.59 55.34 -38.34
C SER A 402 -12.64 56.55 -37.40
N GLY A 403 -13.76 56.83 -36.76
CA GLY A 403 -13.90 58.02 -35.88
C GLY A 403 -14.17 59.27 -36.68
N TRP A 404 -14.25 59.12 -38.01
CA TRP A 404 -14.67 60.18 -38.94
C TRP A 404 -16.15 60.54 -38.70
N ILE A 405 -16.43 61.82 -38.47
CA ILE A 405 -17.80 62.40 -38.46
C ILE A 405 -18.07 63.00 -39.84
N THR A 406 -19.02 62.43 -40.58
CA THR A 406 -19.44 62.91 -41.92
C THR A 406 -20.76 63.67 -41.79
N VAL A 407 -21.29 64.25 -42.89
CA VAL A 407 -22.56 65.02 -42.90
C VAL A 407 -23.68 64.13 -43.41
N CYS A 408 -24.92 64.53 -43.15
CA CYS A 408 -26.02 63.57 -43.09
C CYS A 408 -27.31 64.10 -43.74
N ALA A 409 -27.81 65.27 -43.38
CA ALA A 409 -28.71 66.10 -44.22
C ALA A 409 -28.15 67.53 -44.24
N GLU A 410 -28.23 68.21 -45.39
CA GLU A 410 -27.64 69.57 -45.58
C GLU A 410 -28.23 70.47 -44.50
N LEU A 411 -27.60 71.61 -44.24
CA LEU A 411 -28.26 72.72 -43.50
C LEU A 411 -27.66 74.07 -43.91
N ASP A 412 -28.30 75.14 -43.42
CA ASP A 412 -27.98 76.58 -43.62
C ASP A 412 -27.80 77.21 -42.24
N ARG A 413 -26.93 78.23 -42.17
CA ARG A 413 -26.62 79.01 -40.95
C ARG A 413 -27.92 79.52 -40.27
N GLU A 414 -28.90 80.02 -41.02
CA GLU A 414 -30.08 80.75 -40.47
C GLU A 414 -30.84 79.89 -39.44
N GLU A 415 -31.11 78.62 -39.75
CA GLU A 415 -31.73 77.66 -38.79
C GLU A 415 -30.65 77.23 -37.77
N VAL A 416 -29.45 76.81 -38.23
CA VAL A 416 -28.30 76.39 -37.34
C VAL A 416 -26.95 76.86 -37.88
N GLU A 417 -26.31 77.75 -37.11
CA GLU A 417 -25.06 78.50 -37.38
C GLU A 417 -23.88 77.70 -36.80
N HIS A 418 -24.07 77.19 -35.57
CA HIS A 418 -23.03 76.55 -34.72
C HIS A 418 -23.60 75.33 -33.96
N TYR A 419 -22.78 74.28 -33.84
CA TYR A 419 -23.09 72.98 -33.20
C TYR A 419 -22.10 72.73 -32.06
N SER A 420 -22.53 72.13 -30.95
CA SER A 420 -21.65 71.75 -29.83
C SER A 420 -22.30 70.58 -29.08
N PHE A 421 -21.88 69.39 -29.52
CA PHE A 421 -22.17 68.05 -28.97
C PHE A 421 -20.83 67.42 -28.54
N GLY A 422 -20.95 66.23 -27.97
CA GLY A 422 -19.79 65.43 -27.55
C GLY A 422 -19.70 64.13 -28.33
N VAL A 423 -18.63 63.41 -28.05
CA VAL A 423 -18.25 62.14 -28.70
C VAL A 423 -17.65 61.22 -27.64
N GLU A 424 -18.08 59.97 -27.61
CA GLU A 424 -17.70 59.04 -26.53
C GLU A 424 -17.06 57.81 -27.15
N ALA A 425 -15.86 57.45 -26.67
CA ALA A 425 -14.98 56.34 -27.12
C ALA A 425 -14.88 55.24 -26.06
N VAL A 426 -14.88 53.96 -26.45
CA VAL A 426 -14.97 52.79 -25.51
C VAL A 426 -13.99 51.65 -25.89
N ASP A 427 -13.36 51.01 -24.91
CA ASP A 427 -12.73 49.67 -25.08
C ASP A 427 -13.79 48.65 -25.50
N HIS A 428 -13.37 47.54 -26.10
CA HIS A 428 -14.16 46.28 -26.10
C HIS A 428 -13.65 45.45 -24.92
N GLY A 429 -13.50 46.09 -23.75
CA GLY A 429 -12.87 45.52 -22.54
C GLY A 429 -13.88 44.89 -21.60
N SER A 430 -13.40 43.95 -20.76
CA SER A 430 -14.16 43.09 -19.81
C SER A 430 -15.01 43.94 -18.86
N PRO A 431 -14.42 44.81 -17.99
CA PRO A 431 -15.09 46.04 -17.58
C PRO A 431 -14.74 47.08 -18.64
N PRO A 432 -15.67 47.57 -19.47
CA PRO A 432 -15.32 48.44 -20.59
C PRO A 432 -15.09 49.90 -20.14
N MET A 433 -13.87 50.24 -19.70
CA MET A 433 -13.43 51.65 -19.48
C MET A 433 -13.81 52.48 -20.72
N SER A 434 -14.18 53.75 -20.52
CA SER A 434 -14.51 54.73 -21.60
C SER A 434 -14.25 56.17 -21.13
N SER A 435 -14.07 57.05 -22.09
CA SER A 435 -13.84 58.50 -21.89
C SER A 435 -14.47 59.28 -23.05
N SER A 436 -15.07 60.43 -22.76
CA SER A 436 -15.76 61.28 -23.77
C SER A 436 -15.31 62.75 -23.62
N THR A 437 -15.41 63.49 -24.73
CA THR A 437 -15.06 64.92 -24.90
C THR A 437 -16.02 65.54 -25.91
N SER A 438 -15.81 66.79 -26.30
CA SER A 438 -16.83 67.63 -26.99
C SER A 438 -16.27 68.22 -28.27
N VAL A 439 -17.17 68.47 -29.22
CA VAL A 439 -16.85 68.89 -30.60
C VAL A 439 -17.68 70.13 -30.95
N SER A 440 -17.07 71.07 -31.68
CA SER A 440 -17.66 72.36 -32.14
C SER A 440 -17.59 72.45 -33.66
N ILE A 441 -18.72 72.72 -34.29
CA ILE A 441 -18.85 72.76 -35.78
C ILE A 441 -19.63 74.02 -36.17
N THR A 442 -18.89 75.08 -36.49
CA THR A 442 -19.41 76.33 -37.11
C THR A 442 -19.68 76.08 -38.61
N VAL A 443 -20.96 76.02 -39.05
CA VAL A 443 -21.40 75.99 -40.49
C VAL A 443 -20.95 77.31 -41.16
N LEU A 444 -20.55 77.33 -42.44
CA LEU A 444 -19.85 78.49 -43.09
C LEU A 444 -20.56 78.94 -44.39
N ASP A 445 -20.35 80.20 -44.81
CA ASP A 445 -20.97 80.81 -46.03
C ASP A 445 -20.26 80.36 -47.32
N VAL A 446 -21.04 80.05 -48.37
CA VAL A 446 -20.55 79.65 -49.72
C VAL A 446 -19.57 80.68 -50.28
N SER B 4 -4.15 11.67 94.62
CA SER B 4 -2.76 11.06 94.63
C SER B 4 -2.64 9.93 95.68
N GLY B 5 -3.44 10.00 96.75
CA GLY B 5 -3.64 8.97 97.79
C GLY B 5 -5.10 8.54 97.89
N ARG B 6 -5.97 9.06 96.98
CA ARG B 6 -7.21 8.39 96.53
C ARG B 6 -6.85 6.97 96.07
N GLY B 7 -7.57 5.93 96.54
CA GLY B 7 -7.33 4.51 96.21
C GLY B 7 -7.95 4.06 94.89
N SER B 8 -7.94 4.91 93.86
CA SER B 8 -8.64 4.67 92.57
C SER B 8 -8.14 5.60 91.48
N LEU B 9 -7.43 4.97 90.53
CA LEU B 9 -7.07 5.53 89.23
C LEU B 9 -8.21 5.25 88.24
N LYS B 10 -8.61 6.28 87.51
CA LYS B 10 -9.74 6.23 86.56
C LYS B 10 -9.38 7.00 85.31
N PHE B 11 -9.74 6.43 84.17
CA PHE B 11 -9.90 7.17 82.90
C PHE B 11 -11.27 7.86 82.90
N PRO B 12 -11.37 9.15 82.52
CA PRO B 12 -12.67 9.79 82.30
C PRO B 12 -13.73 8.86 81.67
N MET B 13 -13.37 8.20 80.60
CA MET B 13 -14.34 7.44 79.80
C MET B 13 -13.95 5.96 79.77
N PRO B 14 -14.92 5.02 79.76
CA PRO B 14 -14.63 3.60 79.57
C PRO B 14 -14.14 3.26 78.16
N ASN B 15 -14.71 3.95 77.17
CA ASN B 15 -14.29 3.82 75.76
C ASN B 15 -14.04 5.18 75.11
N TYR B 16 -12.95 5.30 74.34
CA TYR B 16 -12.56 6.48 73.53
C TYR B 16 -12.56 6.11 72.05
N GLN B 17 -13.63 6.35 71.28
CA GLN B 17 -13.66 6.13 69.79
C GLN B 17 -13.02 7.32 69.07
N VAL B 18 -12.38 7.11 67.92
CA VAL B 18 -11.63 8.21 67.24
C VAL B 18 -11.51 7.86 65.75
N ALA B 19 -11.28 8.86 64.91
CA ALA B 19 -11.21 8.70 63.43
C ALA B 19 -9.87 9.23 62.93
N LEU B 20 -9.55 8.95 61.67
CA LEU B 20 -8.19 9.08 61.13
C LEU B 20 -8.24 8.74 59.63
N PHE B 21 -7.45 9.42 58.79
CA PHE B 21 -7.41 9.18 57.32
C PHE B 21 -6.28 8.22 57.04
N GLU B 22 -6.50 7.31 56.11
CA GLU B 22 -5.59 6.15 55.93
C GLU B 22 -4.19 6.70 55.63
N ASN B 23 -4.02 7.52 54.58
CA ASN B 23 -2.69 7.76 54.00
C ASN B 23 -2.00 8.90 54.78
N GLU B 24 -1.65 8.58 56.04
CA GLU B 24 -1.18 9.51 57.11
C GLU B 24 0.03 8.96 57.85
N PRO B 25 1.17 9.71 57.80
CA PRO B 25 2.50 9.16 58.11
C PRO B 25 2.71 8.64 59.54
N ALA B 26 3.90 8.11 59.81
CA ALA B 26 4.36 7.59 61.13
C ALA B 26 4.02 8.63 62.20
N GLY B 27 3.67 8.20 63.41
CA GLY B 27 3.61 9.07 64.60
C GLY B 27 2.63 10.25 64.49
N THR B 28 1.59 10.15 63.66
CA THR B 28 0.47 11.13 63.67
C THR B 28 -0.31 10.96 64.98
N LEU B 29 -0.44 12.02 65.79
CA LEU B 29 -1.21 11.92 67.05
C LEU B 29 -2.68 11.58 66.74
N ILE B 30 -3.29 10.74 67.57
CA ILE B 30 -4.69 10.24 67.43
C ILE B 30 -5.49 10.75 68.61
N LEU B 31 -4.87 10.76 69.79
CA LEU B 31 -5.54 10.85 71.11
C LEU B 31 -4.49 11.00 72.21
N GLN B 32 -4.64 12.07 73.00
CA GLN B 32 -3.86 12.37 74.22
C GLN B 32 -4.74 11.84 75.36
N LEU B 33 -4.53 10.59 75.79
CA LEU B 33 -5.27 9.99 76.92
C LEU B 33 -4.75 10.60 78.20
N HIS B 34 -5.46 10.46 79.30
CA HIS B 34 -5.08 11.04 80.61
C HIS B 34 -5.93 10.43 81.73
N ALA B 35 -5.34 9.57 82.58
CA ALA B 35 -5.97 9.08 83.83
C ALA B 35 -5.82 10.15 84.91
N HIS B 36 -6.63 10.05 85.96
CA HIS B 36 -6.78 11.04 87.07
C HIS B 36 -7.24 10.28 88.31
N TYR B 37 -6.44 10.29 89.39
CA TYR B 37 -6.95 9.80 90.70
C TYR B 37 -8.06 10.79 91.09
N THR B 38 -9.17 10.24 91.57
CA THR B 38 -10.49 10.93 91.74
C THR B 38 -10.42 12.02 92.83
N ILE B 39 -9.61 11.83 93.88
CA ILE B 39 -9.32 12.85 94.93
C ILE B 39 -7.96 13.49 94.59
N GLU B 40 -7.96 14.51 93.72
CA GLU B 40 -6.74 15.05 93.07
C GLU B 40 -5.80 15.56 94.17
N GLY B 41 -4.55 15.11 94.11
CA GLY B 41 -3.57 15.29 95.19
C GLY B 41 -2.29 15.89 94.66
N GLU B 42 -1.29 15.90 95.54
CA GLU B 42 0.05 16.58 95.48
C GLU B 42 0.88 16.14 94.25
N GLU B 43 1.34 14.89 94.20
CA GLU B 43 2.19 14.36 93.11
C GLU B 43 1.54 13.05 92.66
N GLU B 44 0.97 13.06 91.47
CA GLU B 44 0.45 11.86 90.77
C GLU B 44 1.60 11.37 89.88
N ARG B 45 1.89 10.07 89.89
CA ARG B 45 2.90 9.49 88.98
C ARG B 45 2.41 8.16 88.43
N VAL B 46 2.26 8.18 87.11
CA VAL B 46 1.51 7.21 86.29
C VAL B 46 2.21 7.04 84.95
N SER B 47 2.43 5.75 84.59
CA SER B 47 2.88 5.24 83.27
C SER B 47 1.68 4.59 82.54
N TYR B 48 1.84 4.29 81.24
CA TYR B 48 0.79 3.84 80.29
C TYR B 48 1.31 2.76 79.33
N TYR B 49 0.42 1.88 78.89
CA TYR B 49 0.80 0.66 78.11
C TYR B 49 -0.37 0.24 77.23
N MET B 50 -0.12 -0.28 76.03
CA MET B 50 -1.21 -0.50 75.03
C MET B 50 -1.15 -1.92 74.43
N GLU B 51 -2.31 -2.54 74.10
CA GLU B 51 -2.41 -3.93 73.57
C GLU B 51 -3.50 -4.08 72.53
N GLY B 52 -3.55 -5.24 71.85
CA GLY B 52 -4.47 -5.50 70.73
C GLY B 52 -5.65 -6.38 71.12
N LEU B 53 -6.35 -6.03 72.21
CA LEU B 53 -7.25 -6.98 72.89
C LEU B 53 -6.38 -8.21 73.11
N PHE B 54 -6.91 -9.40 72.80
CA PHE B 54 -6.50 -10.77 73.25
C PHE B 54 -5.03 -11.13 72.97
N ASP B 55 -4.64 -11.18 71.69
CA ASP B 55 -3.21 -11.30 71.30
C ASP B 55 -2.74 -9.94 70.76
N GLU B 56 -1.55 -9.49 71.18
CA GLU B 56 -0.69 -8.46 70.53
C GLU B 56 0.23 -9.10 69.48
N ARG B 57 -0.26 -9.46 68.30
CA ARG B 57 0.50 -10.25 67.28
C ARG B 57 0.38 -9.52 65.93
N SER B 58 -0.85 -9.33 65.45
CA SER B 58 -1.24 -8.24 64.53
C SER B 58 -1.35 -6.95 65.35
N ARG B 59 -0.21 -6.37 65.70
CA ARG B 59 -0.16 -5.07 66.42
C ARG B 59 1.10 -4.31 66.00
N GLY B 60 1.31 -4.10 64.69
CA GLY B 60 2.35 -3.17 64.22
C GLY B 60 1.90 -1.72 64.26
N TYR B 61 0.64 -1.40 64.55
CA TYR B 61 -0.10 -0.29 63.88
C TYR B 61 0.04 1.06 64.58
N PHE B 62 -0.36 1.15 65.86
CA PHE B 62 -0.17 2.37 66.71
C PHE B 62 0.82 2.09 67.83
N ARG B 63 1.19 3.14 68.56
CA ARG B 63 2.09 3.04 69.74
C ARG B 63 1.75 4.15 70.73
N ILE B 64 2.29 4.02 71.94
CA ILE B 64 2.03 4.94 73.07
C ILE B 64 3.32 5.40 73.70
N ASP B 65 3.32 6.68 74.11
CA ASP B 65 4.25 7.35 75.06
C ASP B 65 3.89 6.89 76.47
N SER B 66 4.63 5.91 77.00
CA SER B 66 4.43 5.33 78.35
C SER B 66 4.39 6.44 79.41
N ALA B 67 5.04 7.58 79.17
CA ALA B 67 5.19 8.66 80.17
C ALA B 67 3.97 9.61 80.18
N THR B 68 3.44 9.99 79.01
CA THR B 68 2.18 10.76 78.87
C THR B 68 1.07 9.82 78.37
N GLY B 69 -0.01 10.35 77.80
CA GLY B 69 -1.11 9.52 77.24
C GLY B 69 -1.14 9.59 75.73
N ALA B 70 -0.06 10.10 75.13
CA ALA B 70 0.09 10.27 73.67
C ALA B 70 -0.03 8.90 73.01
N VAL B 71 -1.07 8.76 72.21
CA VAL B 71 -1.30 7.61 71.29
C VAL B 71 -1.20 8.19 69.86
N SER B 72 -0.07 7.94 69.18
CA SER B 72 0.14 8.27 67.75
C SER B 72 0.34 6.97 66.93
N THR B 73 0.09 7.02 65.60
CA THR B 73 0.23 5.89 64.63
C THR B 73 1.67 5.36 64.73
N ASP B 74 1.98 4.18 64.19
CA ASP B 74 3.38 3.65 64.18
C ASP B 74 3.79 3.22 62.75
N SER B 75 2.98 3.60 61.77
CA SER B 75 3.11 3.26 60.33
C SER B 75 1.97 3.94 59.58
N VAL B 76 2.07 3.98 58.26
CA VAL B 76 0.97 4.52 57.41
C VAL B 76 -0.14 3.49 57.46
N LEU B 77 -1.39 3.93 57.48
CA LEU B 77 -2.56 3.02 57.57
C LEU B 77 -3.20 2.88 56.19
N ASP B 78 -3.77 1.70 55.91
CA ASP B 78 -4.62 1.45 54.72
C ASP B 78 -6.00 0.99 55.21
N ARG B 79 -7.08 1.65 54.79
CA ARG B 79 -8.46 1.21 55.09
C ARG B 79 -8.70 -0.14 54.41
N GLU B 80 -8.20 -0.31 53.20
CA GLU B 80 -8.48 -1.48 52.32
C GLU B 80 -7.92 -2.75 52.95
N THR B 81 -6.75 -2.65 53.59
CA THR B 81 -6.14 -3.77 54.36
C THR B 81 -6.89 -3.88 55.71
N LYS B 82 -7.22 -2.78 56.43
CA LYS B 82 -7.91 -2.80 57.78
C LYS B 82 -8.69 -1.51 58.03
N GLU B 83 -10.00 -1.59 58.31
CA GLU B 83 -10.89 -0.40 58.37
C GLU B 83 -11.04 0.15 59.81
N THR B 84 -10.86 -0.66 60.86
CA THR B 84 -10.97 -0.25 62.28
C THR B 84 -9.96 -1.04 63.10
N HIS B 85 -9.25 -0.38 64.00
CA HIS B 85 -8.42 -1.06 65.02
C HIS B 85 -9.03 -0.81 66.38
N VAL B 86 -8.95 -1.78 67.27
CA VAL B 86 -9.43 -1.66 68.67
C VAL B 86 -8.30 -2.12 69.58
N LEU B 87 -8.06 -1.31 70.58
CA LEU B 87 -6.86 -1.37 71.41
C LEU B 87 -7.28 -1.24 72.86
N ARG B 88 -6.40 -1.60 73.76
CA ARG B 88 -6.71 -1.72 75.19
C ARG B 88 -5.59 -1.00 75.90
N VAL B 89 -5.88 0.14 76.51
CA VAL B 89 -4.85 0.97 77.19
C VAL B 89 -5.03 0.77 78.68
N LYS B 90 -3.93 0.51 79.37
CA LYS B 90 -3.88 0.33 80.83
C LYS B 90 -2.90 1.37 81.37
N ALA B 91 -3.29 2.06 82.43
CA ALA B 91 -2.42 2.99 83.18
C ALA B 91 -2.10 2.37 84.54
N VAL B 92 -0.88 2.57 85.06
CA VAL B 92 -0.42 1.95 86.32
C VAL B 92 0.50 2.92 87.07
N ASP B 93 0.23 3.12 88.37
CA ASP B 93 1.05 3.93 89.32
C ASP B 93 2.12 3.02 89.95
N TYR B 94 2.77 3.48 91.04
CA TYR B 94 3.83 2.74 91.75
C TYR B 94 3.47 2.58 93.22
N SER B 95 2.17 2.58 93.53
CA SER B 95 1.65 2.53 94.93
C SER B 95 2.01 1.19 95.61
N THR B 96 1.74 1.08 96.93
CA THR B 96 1.70 -0.15 97.79
C THR B 96 1.08 -1.34 97.05
N PRO B 97 -0.23 -1.27 96.72
CA PRO B 97 -0.79 -2.12 95.69
C PRO B 97 -0.48 -1.17 94.55
N PRO B 98 0.22 -1.57 93.48
CA PRO B 98 0.12 -0.80 92.24
C PRO B 98 -1.37 -0.72 91.88
N ARG B 99 -1.94 0.48 91.85
CA ARG B 99 -3.31 0.75 91.33
C ARG B 99 -3.21 0.87 89.80
N SER B 100 -4.33 0.79 89.08
CA SER B 100 -4.31 0.62 87.60
C SER B 100 -5.72 0.69 86.98
N ALA B 101 -5.87 1.44 85.90
CA ALA B 101 -7.15 1.58 85.18
C ALA B 101 -6.99 1.08 83.74
N THR B 102 -8.02 0.45 83.21
CA THR B 102 -8.12 -0.05 81.82
C THR B 102 -9.16 0.79 81.09
N THR B 103 -8.83 1.30 79.90
CA THR B 103 -9.81 1.82 78.91
C THR B 103 -9.45 1.27 77.53
N TYR B 104 -10.38 1.38 76.59
CA TYR B 104 -10.25 0.89 75.21
C TYR B 104 -10.24 2.09 74.25
N ILE B 105 -9.63 1.92 73.08
CA ILE B 105 -9.66 2.87 71.94
C ILE B 105 -10.27 2.14 70.74
N THR B 106 -11.17 2.79 70.02
CA THR B 106 -11.82 2.27 68.79
C THR B 106 -11.43 3.17 67.61
N VAL B 107 -10.18 3.13 67.16
CA VAL B 107 -9.72 3.86 65.93
C VAL B 107 -10.60 3.42 64.75
N LEU B 108 -10.93 4.36 63.86
CA LEU B 108 -11.77 4.07 62.68
C LEU B 108 -11.16 4.82 61.49
N VAL B 109 -10.27 4.15 60.77
CA VAL B 109 -9.63 4.64 59.52
C VAL B 109 -10.70 5.06 58.52
N LYS B 110 -10.49 6.21 57.90
CA LYS B 110 -11.42 6.82 56.93
C LYS B 110 -10.80 6.70 55.55
N ASP B 111 -11.63 6.55 54.51
CA ASP B 111 -11.18 6.29 53.11
C ASP B 111 -10.51 7.54 52.53
N THR B 112 -9.60 7.33 51.57
CA THR B 112 -9.02 8.39 50.70
C THR B 112 -8.93 7.80 49.28
N ASN B 113 -9.27 8.59 48.25
CA ASN B 113 -9.14 8.13 46.84
C ASN B 113 -7.70 7.64 46.66
N ASP B 114 -7.50 6.33 46.49
CA ASP B 114 -6.16 5.70 46.32
C ASP B 114 -6.21 4.91 45.04
N HIS B 115 -7.22 4.05 44.98
CA HIS B 115 -7.48 3.13 43.86
C HIS B 115 -8.35 3.91 42.88
N SER B 116 -7.89 3.92 41.63
CA SER B 116 -8.58 4.56 40.49
C SER B 116 -9.44 3.49 39.83
N PRO B 117 -10.57 3.87 39.21
CA PRO B 117 -11.48 2.90 38.64
C PRO B 117 -10.69 1.87 37.81
N VAL B 118 -11.20 0.65 37.69
CA VAL B 118 -10.60 -0.41 36.81
C VAL B 118 -11.72 -1.11 36.04
N PHE B 119 -11.64 -0.95 34.72
CA PHE B 119 -12.54 -1.55 33.73
C PHE B 119 -12.41 -3.07 33.82
N GLU B 120 -13.51 -3.76 33.62
CA GLU B 120 -13.55 -5.24 33.70
C GLU B 120 -12.90 -5.84 32.46
N GLN B 121 -12.72 -5.09 31.38
CA GLN B 121 -11.92 -5.54 30.20
C GLN B 121 -10.93 -4.45 29.80
N SER B 122 -9.64 -4.78 29.67
CA SER B 122 -8.59 -3.89 29.11
C SER B 122 -9.11 -3.27 27.79
N GLU B 123 -9.70 -4.07 26.89
CA GLU B 123 -10.04 -3.67 25.50
C GLU B 123 -11.45 -4.20 25.19
N TYR B 124 -12.48 -3.34 25.15
CA TYR B 124 -13.90 -3.73 24.90
C TYR B 124 -14.14 -3.89 23.39
N ARG B 125 -14.58 -5.08 22.95
CA ARG B 125 -14.68 -5.47 21.51
C ARG B 125 -16.04 -6.11 21.27
N GLU B 126 -16.90 -5.42 20.52
CA GLU B 126 -18.36 -5.74 20.34
C GLU B 126 -18.81 -5.59 18.89
N ARG B 127 -20.07 -5.92 18.64
CA ARG B 127 -20.72 -5.73 17.33
C ARG B 127 -22.09 -5.10 17.55
N VAL B 128 -22.74 -4.80 16.44
CA VAL B 128 -24.13 -4.27 16.36
C VAL B 128 -24.61 -4.44 14.92
N ARG B 129 -25.90 -4.65 14.70
CA ARG B 129 -26.46 -4.77 13.33
C ARG B 129 -26.69 -3.37 12.76
N GLU B 130 -26.46 -3.21 11.47
CA GLU B 130 -26.94 -2.03 10.70
C GLU B 130 -28.47 -2.09 10.58
N ASN B 131 -29.06 -1.05 9.98
CA ASN B 131 -30.51 -0.99 9.69
C ASN B 131 -31.22 -1.45 10.97
N LEU B 132 -30.66 -1.05 12.10
CA LEU B 132 -31.20 -1.30 13.45
C LEU B 132 -31.43 0.05 14.12
N GLU B 133 -32.60 0.15 14.75
CA GLU B 133 -33.30 1.35 15.30
C GLU B 133 -32.42 2.12 16.29
N VAL B 134 -32.70 3.42 16.41
CA VAL B 134 -31.95 4.35 17.31
C VAL B 134 -32.09 3.85 18.75
N GLY B 135 -31.10 4.18 19.59
CA GLY B 135 -31.10 3.93 21.04
C GLY B 135 -31.10 2.44 21.33
N TYR B 136 -30.51 1.64 20.46
CA TYR B 136 -30.36 0.18 20.66
C TYR B 136 -29.14 -0.06 21.55
N GLU B 137 -29.26 -1.03 22.46
CA GLU B 137 -28.25 -1.32 23.49
C GLU B 137 -27.13 -2.16 22.83
N VAL B 138 -26.02 -1.52 22.49
CA VAL B 138 -24.88 -2.12 21.74
C VAL B 138 -24.10 -3.03 22.67
N LEU B 139 -24.01 -2.62 23.92
CA LEU B 139 -22.90 -2.88 24.87
C LEU B 139 -23.28 -2.27 26.22
N THR B 140 -22.80 -2.79 27.35
CA THR B 140 -22.71 -2.03 28.64
C THR B 140 -21.26 -2.07 29.13
N ILE B 141 -20.62 -0.91 29.24
CA ILE B 141 -19.23 -0.78 29.76
C ILE B 141 -19.36 -0.71 31.28
N ARG B 142 -18.39 -1.23 32.03
CA ARG B 142 -18.45 -1.26 33.52
C ARG B 142 -17.03 -1.29 34.09
N ALA B 143 -16.83 -0.67 35.25
CA ALA B 143 -15.55 -0.68 35.97
C ALA B 143 -15.79 -0.95 37.44
N SER B 144 -14.78 -0.71 38.27
CA SER B 144 -14.84 -1.00 39.72
C SER B 144 -13.70 -0.30 40.44
N ASP B 145 -13.99 0.30 41.59
CA ASP B 145 -13.00 0.99 42.45
C ASP B 145 -13.07 0.35 43.85
N ARG B 146 -11.88 -0.04 44.36
CA ARG B 146 -11.66 -0.67 45.69
C ARG B 146 -11.93 0.32 46.82
N ASP B 147 -12.06 1.60 46.49
CA ASP B 147 -12.20 2.70 47.48
C ASP B 147 -13.64 2.75 47.99
N SER B 148 -13.92 3.72 48.87
CA SER B 148 -15.25 3.93 49.52
C SER B 148 -16.22 4.47 48.52
N PRO B 149 -17.53 4.19 48.71
CA PRO B 149 -18.54 4.52 47.72
C PRO B 149 -18.60 6.03 47.46
N ILE B 150 -18.10 6.85 48.40
CA ILE B 150 -18.00 8.34 48.24
C ILE B 150 -16.98 8.66 47.14
N ASN B 151 -15.84 7.98 47.16
CA ASN B 151 -15.03 7.64 45.94
C ASN B 151 -15.67 6.42 45.28
N ALA B 152 -15.05 5.71 44.34
CA ALA B 152 -15.78 4.64 43.60
C ALA B 152 -17.17 5.15 43.13
N ASN B 153 -17.30 6.45 42.84
CA ASN B 153 -18.55 7.09 42.33
C ASN B 153 -18.35 7.20 40.83
N LEU B 154 -18.71 6.16 40.11
CA LEU B 154 -18.24 5.96 38.71
C LEU B 154 -19.09 6.87 37.82
N ARG B 155 -18.48 7.58 36.87
CA ARG B 155 -19.21 8.30 35.79
C ARG B 155 -18.51 7.90 34.48
N TYR B 156 -19.19 7.09 33.66
CA TYR B 156 -18.63 6.62 32.38
C TYR B 156 -18.88 7.70 31.33
N ARG B 157 -17.85 8.18 30.63
CA ARG B 157 -18.11 9.10 29.52
C ARG B 157 -17.23 8.86 28.28
N VAL B 158 -17.82 9.17 27.12
CA VAL B 158 -17.18 9.12 25.77
C VAL B 158 -16.12 10.24 25.70
N LEU B 159 -14.88 9.88 25.36
CA LEU B 159 -13.73 10.80 25.09
C LEU B 159 -13.40 10.82 23.59
N GLY B 160 -13.34 9.63 22.95
CA GLY B 160 -12.83 9.39 21.59
C GLY B 160 -13.88 9.62 20.50
N GLY B 161 -13.49 9.59 19.22
CA GLY B 161 -14.35 9.87 18.06
C GLY B 161 -15.57 8.95 18.02
N ALA B 162 -16.57 9.30 17.21
CA ALA B 162 -17.84 8.55 17.04
C ALA B 162 -18.77 8.86 18.21
N TRP B 163 -18.45 9.91 18.97
CA TRP B 163 -19.33 10.43 20.06
C TRP B 163 -20.73 10.69 19.48
N ASP B 164 -20.80 11.22 18.26
CA ASP B 164 -22.03 11.64 17.51
C ASP B 164 -22.85 10.41 17.11
N VAL B 165 -22.20 9.23 17.06
CA VAL B 165 -22.76 7.96 16.53
C VAL B 165 -23.30 7.06 17.66
N PHE B 166 -22.76 7.17 18.88
CA PHE B 166 -23.15 6.34 20.06
C PHE B 166 -23.29 7.20 21.33
N GLN B 167 -24.34 6.94 22.12
CA GLN B 167 -24.65 7.62 23.41
C GLN B 167 -24.27 6.67 24.55
N LEU B 168 -23.78 7.23 25.67
CA LEU B 168 -23.29 6.44 26.82
C LEU B 168 -23.85 7.04 28.11
N ASN B 169 -25.00 6.55 28.59
CA ASN B 169 -25.48 6.84 29.96
C ASN B 169 -24.32 6.61 30.94
N GLU B 170 -23.85 7.67 31.63
CA GLU B 170 -22.67 7.63 32.53
C GLU B 170 -22.97 6.79 33.77
N SER B 171 -24.25 6.73 34.16
CA SER B 171 -24.75 5.92 35.28
C SER B 171 -24.52 4.43 34.98
N SER B 172 -25.18 3.93 33.95
CA SER B 172 -25.29 2.47 33.65
C SER B 172 -24.03 2.03 32.94
N GLY B 173 -23.58 2.82 31.97
CA GLY B 173 -22.55 2.40 31.01
C GLY B 173 -23.17 1.80 29.76
N VAL B 174 -24.51 1.78 29.68
CA VAL B 174 -25.28 1.44 28.45
C VAL B 174 -24.69 2.28 27.31
N VAL B 175 -24.32 1.64 26.20
CA VAL B 175 -23.88 2.33 24.96
C VAL B 175 -25.02 2.18 23.95
N SER B 176 -26.06 2.99 24.05
CA SER B 176 -27.13 3.00 23.02
C SER B 176 -26.54 3.56 21.72
N THR B 177 -27.18 3.35 20.56
CA THR B 177 -26.80 3.92 19.26
C THR B 177 -27.41 5.31 19.13
N ARG B 178 -26.74 6.26 18.46
CA ARG B 178 -27.27 7.64 18.30
C ARG B 178 -28.25 7.68 17.11
N ALA B 179 -28.07 6.83 16.09
CA ALA B 179 -29.03 6.65 14.99
C ALA B 179 -29.01 5.20 14.43
N VAL B 180 -29.51 5.04 13.20
CA VAL B 180 -29.48 3.74 12.50
C VAL B 180 -28.12 3.65 11.82
N LEU B 181 -27.54 2.47 11.73
CA LEU B 181 -26.20 2.28 11.15
C LEU B 181 -26.31 1.83 9.68
N ASP B 182 -25.19 1.79 8.94
CA ASP B 182 -25.11 1.33 7.52
C ASP B 182 -23.70 0.86 7.21
N ARG B 183 -23.43 -0.44 7.30
CA ARG B 183 -22.07 -1.01 7.08
C ARG B 183 -21.48 -0.35 5.83
N GLU B 184 -22.30 -0.20 4.79
CA GLU B 184 -21.87 0.33 3.46
C GLU B 184 -21.26 1.72 3.60
N GLU B 185 -21.85 2.60 4.42
CA GLU B 185 -21.25 3.92 4.79
C GLU B 185 -19.98 3.71 5.65
N ALA B 186 -20.09 2.90 6.71
CA ALA B 186 -19.07 2.70 7.76
C ALA B 186 -19.37 1.41 8.54
N ALA B 187 -18.39 0.50 8.65
CA ALA B 187 -18.57 -0.91 9.07
C ALA B 187 -17.76 -1.26 10.33
N GLU B 188 -16.87 -0.38 10.74
CA GLU B 188 -16.12 -0.48 12.01
C GLU B 188 -16.04 0.94 12.59
N TYR B 189 -16.66 1.20 13.72
CA TYR B 189 -16.42 2.44 14.49
C TYR B 189 -15.56 2.09 15.70
N GLN B 190 -14.64 2.99 16.03
CA GLN B 190 -13.84 2.92 17.28
C GLN B 190 -14.23 4.08 18.19
N LEU B 191 -14.08 3.89 19.49
CA LEU B 191 -14.61 4.79 20.56
C LEU B 191 -13.77 4.64 21.83
N LEU B 192 -13.30 5.75 22.43
CA LEU B 192 -12.50 5.69 23.69
C LEU B 192 -13.30 6.25 24.87
N VAL B 193 -13.44 5.47 25.95
CA VAL B 193 -14.29 5.79 27.13
C VAL B 193 -13.41 5.92 28.39
N GLU B 194 -13.86 6.78 29.33
CA GLU B 194 -13.25 7.04 30.65
C GLU B 194 -14.28 6.86 31.78
N ALA B 195 -13.89 6.09 32.80
CA ALA B 195 -14.59 5.95 34.10
C ALA B 195 -13.87 6.84 35.13
N ASN B 196 -14.54 7.87 35.65
CA ASN B 196 -13.97 8.87 36.61
C ASN B 196 -14.45 8.49 38.02
N ASP B 197 -13.54 8.54 39.00
CA ASP B 197 -13.88 8.12 40.38
C ASP B 197 -14.89 9.12 40.93
N GLN B 198 -15.09 10.28 40.29
CA GLN B 198 -15.85 11.37 40.94
C GLN B 198 -15.34 11.43 42.39
N GLY B 199 -14.06 11.12 42.54
CA GLY B 199 -13.35 11.01 43.83
C GLY B 199 -13.13 12.39 44.42
N ARG B 200 -13.05 12.43 45.74
CA ARG B 200 -13.00 13.71 46.48
C ARG B 200 -11.87 13.71 47.51
N ASN B 201 -11.72 12.65 48.28
CA ASN B 201 -10.83 12.75 49.44
C ASN B 201 -9.53 13.50 49.12
N PRO B 202 -8.67 13.16 48.14
CA PRO B 202 -7.70 14.11 47.60
C PRO B 202 -8.11 14.73 46.26
N GLY B 203 -9.21 14.29 45.66
CA GLY B 203 -9.62 14.71 44.31
C GLY B 203 -9.67 13.50 43.39
N PRO B 204 -10.49 13.56 42.32
CA PRO B 204 -10.95 12.36 41.59
C PRO B 204 -9.84 11.71 40.75
N LEU B 205 -9.97 10.40 40.56
CA LEU B 205 -9.02 9.53 39.81
C LEU B 205 -9.80 8.87 38.70
N SER B 206 -9.24 8.76 37.49
CA SER B 206 -9.95 8.16 36.33
C SER B 206 -9.03 7.21 35.55
N ALA B 207 -9.67 6.31 34.82
CA ALA B 207 -9.09 5.23 33.99
C ALA B 207 -9.92 5.08 32.70
N THR B 208 -9.28 4.65 31.61
CA THR B 208 -9.85 4.61 30.24
C THR B 208 -9.56 3.26 29.59
N ALA B 209 -10.25 3.02 28.47
CA ALA B 209 -10.21 1.77 27.68
C ALA B 209 -11.05 1.97 26.41
N THR B 210 -10.42 1.72 25.24
CA THR B 210 -11.01 1.86 23.87
C THR B 210 -12.01 0.70 23.67
N VAL B 211 -13.18 1.04 23.14
CA VAL B 211 -14.21 0.13 22.57
C VAL B 211 -13.97 -0.01 21.05
N TYR B 212 -14.37 -1.15 20.48
CA TYR B 212 -14.39 -1.40 19.02
C TYR B 212 -15.76 -1.99 18.68
N ILE B 213 -16.62 -1.19 18.05
CA ILE B 213 -17.87 -1.70 17.44
C ILE B 213 -17.51 -2.14 16.02
N GLU B 214 -18.01 -3.30 15.56
CA GLU B 214 -18.10 -3.66 14.11
C GLU B 214 -19.57 -3.67 13.68
N VAL B 215 -19.93 -2.85 12.70
CA VAL B 215 -21.28 -2.92 12.11
C VAL B 215 -21.34 -4.25 11.36
N GLU B 216 -22.40 -5.03 11.61
CA GLU B 216 -22.68 -6.33 10.94
C GLU B 216 -23.41 -6.04 9.62
N ASP B 217 -23.38 -6.99 8.67
CA ASP B 217 -24.06 -6.84 7.36
C ASP B 217 -25.51 -7.31 7.48
N GLU B 218 -26.43 -6.71 6.71
CA GLU B 218 -27.78 -7.24 6.42
C GLU B 218 -27.90 -7.27 4.89
N ASN B 219 -28.56 -8.29 4.31
CA ASN B 219 -28.96 -8.19 2.88
C ASN B 219 -29.76 -6.89 2.83
N ASP B 220 -29.17 -5.85 2.28
CA ASP B 220 -29.75 -4.50 2.23
C ASP B 220 -29.26 -3.89 0.93
N ASN B 221 -28.74 -4.72 0.05
CA ASN B 221 -28.19 -4.25 -1.24
C ASN B 221 -28.59 -5.23 -2.34
N TYR B 222 -29.42 -4.71 -3.25
CA TYR B 222 -29.78 -5.34 -4.53
C TYR B 222 -28.49 -5.53 -5.34
N PRO B 223 -28.30 -6.66 -6.06
CA PRO B 223 -27.14 -6.80 -6.93
C PRO B 223 -27.36 -5.97 -8.21
N GLN B 224 -26.39 -5.12 -8.49
CA GLN B 224 -26.41 -4.13 -9.59
C GLN B 224 -25.62 -4.72 -10.74
N PHE B 225 -26.03 -4.41 -11.97
CA PHE B 225 -25.46 -4.99 -13.19
C PHE B 225 -24.32 -4.12 -13.73
N SER B 226 -23.28 -4.71 -14.32
CA SER B 226 -22.21 -3.99 -15.07
C SER B 226 -22.85 -2.94 -15.97
N GLU B 227 -23.83 -3.34 -16.78
CA GLU B 227 -24.45 -2.45 -17.80
C GLU B 227 -25.95 -2.73 -17.94
N GLN B 228 -26.72 -1.65 -17.93
CA GLN B 228 -28.19 -1.67 -18.01
C GLN B 228 -28.63 -2.08 -19.43
N ASN B 229 -27.72 -2.23 -20.39
CA ASN B 229 -28.00 -3.07 -21.59
C ASN B 229 -26.69 -3.55 -22.21
N TYR B 230 -26.33 -4.82 -21.96
CA TYR B 230 -25.19 -5.45 -22.67
C TYR B 230 -25.60 -5.61 -24.13
N VAL B 231 -24.64 -5.51 -25.04
CA VAL B 231 -24.87 -5.74 -26.50
C VAL B 231 -23.67 -6.53 -27.04
N VAL B 232 -23.90 -7.76 -27.50
CA VAL B 232 -22.87 -8.55 -28.23
C VAL B 232 -23.25 -8.64 -29.70
N GLN B 233 -22.27 -9.02 -30.49
CA GLN B 233 -22.41 -9.26 -31.93
C GLN B 233 -21.86 -10.66 -32.16
N VAL B 234 -22.68 -11.59 -32.63
CA VAL B 234 -22.19 -12.96 -32.94
C VAL B 234 -22.38 -13.23 -34.42
N PRO B 235 -21.36 -13.79 -35.10
CA PRO B 235 -21.52 -14.22 -36.48
C PRO B 235 -22.37 -15.50 -36.52
N GLU B 236 -23.17 -15.72 -37.58
CA GLU B 236 -24.11 -16.87 -37.64
C GLU B 236 -23.30 -18.16 -37.56
N ASP B 237 -22.04 -18.14 -37.97
CA ASP B 237 -21.22 -19.36 -38.17
C ASP B 237 -20.46 -19.72 -36.89
N VAL B 238 -20.83 -19.14 -35.75
CA VAL B 238 -20.09 -19.23 -34.45
C VAL B 238 -19.87 -20.68 -34.03
N GLY B 239 -18.78 -20.99 -33.33
CA GLY B 239 -18.55 -22.34 -32.78
C GLY B 239 -19.63 -22.74 -31.77
N LEU B 240 -20.04 -24.00 -31.68
CA LEU B 240 -20.85 -24.54 -30.54
C LEU B 240 -20.05 -24.41 -29.23
N ASN B 241 -20.72 -24.17 -28.12
CA ASN B 241 -20.12 -24.04 -26.75
C ASN B 241 -18.96 -23.06 -26.76
N THR B 242 -19.15 -21.89 -27.36
CA THR B 242 -18.16 -20.81 -27.34
C THR B 242 -18.72 -19.68 -26.48
N ALA B 243 -17.90 -19.18 -25.57
CA ALA B 243 -18.14 -18.01 -24.73
C ALA B 243 -18.57 -16.85 -25.64
N VAL B 244 -19.35 -15.91 -25.17
CA VAL B 244 -19.75 -14.77 -26.04
C VAL B 244 -19.69 -13.47 -25.25
N LEU B 245 -20.02 -13.53 -23.97
CA LEU B 245 -20.11 -12.36 -23.09
C LEU B 245 -20.04 -12.90 -21.67
N ARG B 246 -19.51 -12.13 -20.74
CA ARG B 246 -19.60 -12.46 -19.30
C ARG B 246 -20.46 -11.38 -18.64
N VAL B 247 -21.71 -11.70 -18.37
CA VAL B 247 -22.59 -10.88 -17.48
C VAL B 247 -21.94 -10.90 -16.09
N GLN B 248 -22.11 -9.82 -15.35
CA GLN B 248 -21.34 -9.53 -14.13
C GLN B 248 -22.16 -8.50 -13.37
N ALA B 249 -22.29 -8.64 -12.06
CA ALA B 249 -23.19 -7.83 -11.21
C ALA B 249 -22.64 -7.71 -9.79
N THR B 250 -22.89 -6.61 -9.11
CA THR B 250 -22.14 -6.30 -7.87
C THR B 250 -23.11 -5.94 -6.75
N ASP B 251 -22.69 -6.34 -5.57
CA ASP B 251 -23.53 -6.35 -4.36
C ASP B 251 -22.68 -5.63 -3.33
N ARG B 252 -23.16 -4.46 -2.95
CA ARG B 252 -22.51 -3.62 -1.92
C ARG B 252 -22.46 -4.39 -0.60
N ASP B 253 -23.31 -5.41 -0.43
CA ASP B 253 -23.32 -6.32 0.75
C ASP B 253 -22.00 -7.12 0.78
N GLN B 254 -21.81 -7.97 1.80
CA GLN B 254 -20.53 -8.65 2.10
C GLN B 254 -20.75 -10.16 2.18
N GLY B 255 -19.67 -10.95 2.04
CA GLY B 255 -19.70 -12.43 1.94
C GLY B 255 -20.88 -12.96 1.14
N GLN B 256 -21.45 -14.08 1.59
CA GLN B 256 -22.60 -14.74 0.94
C GLN B 256 -23.73 -13.73 0.71
N ASN B 257 -23.87 -12.69 1.55
CA ASN B 257 -24.93 -11.65 1.40
C ASN B 257 -24.80 -10.94 0.05
N ALA B 258 -23.72 -11.25 -0.68
CA ALA B 258 -23.36 -10.59 -1.96
C ALA B 258 -22.97 -11.60 -3.05
N ALA B 259 -22.76 -12.88 -2.70
CA ALA B 259 -22.71 -13.99 -3.67
C ALA B 259 -23.96 -13.91 -4.55
N ILE B 260 -23.78 -14.03 -5.86
CA ILE B 260 -24.83 -13.67 -6.84
C ILE B 260 -25.08 -14.80 -7.84
N HIS B 261 -26.33 -14.96 -8.29
CA HIS B 261 -26.79 -16.07 -9.17
C HIS B 261 -27.42 -15.48 -10.44
N TYR B 262 -26.82 -15.82 -11.57
CA TYR B 262 -27.28 -15.44 -12.93
C TYR B 262 -28.14 -16.57 -13.50
N SER B 263 -28.94 -16.22 -14.49
CA SER B 263 -30.24 -16.86 -14.76
C SER B 263 -30.85 -16.07 -15.93
N ILE B 264 -31.62 -16.67 -16.84
CA ILE B 264 -32.29 -15.93 -17.97
C ILE B 264 -33.80 -15.93 -17.73
N LEU B 265 -34.57 -14.94 -18.16
CA LEU B 265 -36.05 -15.08 -18.04
C LEU B 265 -36.67 -15.17 -19.44
N SER B 266 -36.31 -14.29 -20.37
CA SER B 266 -36.95 -14.20 -21.71
C SER B 266 -35.96 -14.56 -22.82
N GLY B 267 -36.41 -14.47 -24.09
CA GLY B 267 -35.62 -14.83 -25.28
C GLY B 267 -35.14 -16.23 -25.07
N ASN B 268 -34.26 -16.72 -25.91
CA ASN B 268 -33.62 -18.03 -25.63
C ASN B 268 -34.70 -19.12 -25.47
N VAL B 269 -35.85 -18.90 -26.09
CA VAL B 269 -36.99 -19.83 -25.97
C VAL B 269 -36.65 -21.10 -26.76
N ALA B 270 -35.87 -21.02 -27.82
CA ALA B 270 -35.39 -22.22 -28.54
C ALA B 270 -33.89 -22.37 -28.30
N GLY B 271 -33.50 -22.76 -27.09
CA GLY B 271 -32.12 -23.10 -26.75
C GLY B 271 -31.18 -22.09 -27.36
N GLN B 272 -30.03 -22.54 -27.84
CA GLN B 272 -29.02 -21.67 -28.51
C GLN B 272 -28.22 -20.82 -27.52
N PHE B 273 -28.66 -20.59 -26.28
CA PHE B 273 -27.76 -19.96 -25.29
C PHE B 273 -27.84 -20.68 -23.95
N TYR B 274 -26.79 -20.60 -23.14
CA TYR B 274 -26.81 -21.15 -21.78
C TYR B 274 -25.91 -20.27 -20.93
N LEU B 275 -26.46 -19.63 -19.91
CA LEU B 275 -25.74 -18.68 -19.03
C LEU B 275 -25.33 -19.40 -17.76
N HIS B 276 -24.05 -19.70 -17.51
CA HIS B 276 -23.65 -20.47 -16.31
C HIS B 276 -24.01 -19.65 -15.09
N SER B 277 -24.64 -20.23 -14.07
CA SER B 277 -25.23 -19.44 -12.96
C SER B 277 -24.10 -18.73 -12.25
N LEU B 278 -22.96 -19.40 -12.08
CA LEU B 278 -21.92 -18.97 -11.11
C LEU B 278 -21.01 -17.92 -11.74
N SER B 279 -20.46 -18.21 -12.93
CA SER B 279 -19.53 -17.35 -13.67
C SER B 279 -20.26 -16.15 -14.27
N GLY B 280 -21.40 -16.38 -14.88
CA GLY B 280 -22.11 -15.34 -15.63
C GLY B 280 -21.76 -15.39 -17.11
N ILE B 281 -20.97 -16.38 -17.53
CA ILE B 281 -20.51 -16.52 -18.95
C ILE B 281 -21.69 -17.03 -19.78
N LEU B 282 -22.23 -16.18 -20.63
CA LEU B 282 -23.17 -16.54 -21.71
C LEU B 282 -22.44 -17.32 -22.82
N ASP B 283 -22.92 -18.50 -23.13
CA ASP B 283 -22.35 -19.42 -24.15
C ASP B 283 -23.39 -19.61 -25.23
N VAL B 284 -23.01 -19.61 -26.49
CA VAL B 284 -23.87 -20.18 -27.55
C VAL B 284 -23.65 -21.70 -27.48
N ILE B 285 -24.69 -22.53 -27.62
CA ILE B 285 -24.64 -24.00 -27.35
C ILE B 285 -25.43 -24.82 -28.38
N ASN B 286 -25.98 -24.21 -29.41
CA ASN B 286 -26.65 -24.89 -30.56
C ASN B 286 -26.50 -23.92 -31.71
N PRO B 287 -26.50 -24.31 -32.99
CA PRO B 287 -26.01 -23.42 -34.02
C PRO B 287 -27.02 -22.31 -34.34
N LEU B 288 -26.54 -21.07 -34.56
CA LEU B 288 -27.35 -19.87 -34.91
C LEU B 288 -27.53 -19.81 -36.42
N ASP B 289 -28.51 -19.05 -36.91
CA ASP B 289 -28.75 -18.86 -38.36
C ASP B 289 -29.44 -17.52 -38.54
N PHE B 290 -28.68 -16.60 -39.12
CA PHE B 290 -29.08 -15.19 -39.31
C PHE B 290 -30.41 -15.19 -40.08
N GLU B 291 -30.48 -16.05 -41.10
CA GLU B 291 -31.56 -16.05 -42.11
C GLU B 291 -32.86 -16.39 -41.39
N ASP B 292 -32.77 -17.27 -40.40
CA ASP B 292 -33.94 -17.70 -39.57
C ASP B 292 -34.26 -16.62 -38.51
N VAL B 293 -33.31 -16.28 -37.62
CA VAL B 293 -33.45 -15.27 -36.51
C VAL B 293 -32.26 -14.30 -36.53
N GLN B 294 -32.53 -12.98 -36.59
CA GLN B 294 -31.48 -11.91 -36.79
C GLN B 294 -30.96 -11.39 -35.45
N LYS B 295 -31.75 -11.51 -34.37
CA LYS B 295 -31.51 -10.79 -33.10
C LYS B 295 -31.89 -11.69 -31.93
N TYR B 296 -31.20 -11.69 -30.78
CA TYR B 296 -31.89 -12.15 -29.54
C TYR B 296 -32.01 -10.96 -28.58
N SER B 297 -33.01 -10.99 -27.68
CA SER B 297 -33.10 -10.17 -26.44
C SER B 297 -33.25 -11.08 -25.22
N LEU B 298 -32.34 -11.01 -24.26
CA LEU B 298 -32.34 -11.92 -23.10
C LEU B 298 -32.48 -11.05 -21.87
N SER B 299 -33.55 -11.12 -21.07
CA SER B 299 -33.54 -10.37 -19.78
C SER B 299 -33.03 -11.33 -18.71
N ILE B 300 -32.04 -10.86 -17.97
CA ILE B 300 -31.26 -11.67 -17.01
C ILE B 300 -31.78 -11.39 -15.60
N LYS B 301 -31.48 -12.30 -14.69
CA LYS B 301 -31.88 -12.20 -13.29
C LYS B 301 -30.68 -12.44 -12.42
N ALA B 302 -30.46 -11.52 -11.49
CA ALA B 302 -29.36 -11.55 -10.51
C ALA B 302 -29.92 -11.74 -9.09
N GLN B 303 -29.53 -12.81 -8.41
CA GLN B 303 -30.06 -13.15 -7.08
C GLN B 303 -28.93 -13.16 -6.06
N ASP B 304 -28.93 -12.18 -5.17
CA ASP B 304 -27.95 -12.12 -4.06
C ASP B 304 -28.41 -13.08 -2.98
N GLY B 305 -28.23 -14.38 -3.20
CA GLY B 305 -28.80 -15.39 -2.31
C GLY B 305 -27.98 -15.54 -1.05
N GLY B 306 -27.78 -14.47 -0.31
CA GLY B 306 -27.01 -14.57 0.94
C GLY B 306 -27.94 -14.93 2.08
N ARG B 307 -29.04 -14.19 2.23
CA ARG B 307 -29.84 -14.17 3.49
C ARG B 307 -31.21 -14.74 3.15
N PRO B 308 -32.06 -14.98 4.17
CA PRO B 308 -33.50 -15.17 3.96
C PRO B 308 -34.20 -14.09 3.13
N PRO B 309 -33.77 -12.82 3.16
CA PRO B 309 -34.01 -11.86 2.08
C PRO B 309 -33.61 -12.26 0.65
N LEU B 310 -32.44 -12.81 0.42
CA LEU B 310 -32.14 -13.31 -0.93
C LEU B 310 -32.82 -12.34 -1.94
N ILE B 311 -32.44 -11.05 -2.01
CA ILE B 311 -32.96 -10.00 -2.97
C ILE B 311 -32.67 -10.35 -4.47
N ASN B 312 -33.45 -9.82 -5.44
CA ASN B 312 -33.34 -10.19 -6.88
C ASN B 312 -33.34 -8.91 -7.73
N SER B 313 -32.89 -8.99 -8.99
CA SER B 313 -32.75 -7.88 -9.97
C SER B 313 -33.15 -8.40 -11.36
N SER B 314 -33.44 -7.48 -12.31
CA SER B 314 -33.82 -7.80 -13.72
C SER B 314 -33.33 -6.69 -14.69
N GLY B 315 -32.29 -7.04 -15.47
CA GLY B 315 -31.52 -6.22 -16.43
C GLY B 315 -31.71 -6.85 -17.80
N VAL B 316 -30.73 -6.81 -18.72
CA VAL B 316 -30.96 -7.07 -20.20
C VAL B 316 -29.65 -7.27 -20.98
N VAL B 317 -29.70 -8.09 -22.05
CA VAL B 317 -28.60 -8.47 -23.02
C VAL B 317 -29.17 -8.52 -24.44
N SER B 318 -28.79 -7.58 -25.30
CA SER B 318 -29.20 -7.56 -26.73
C SER B 318 -28.11 -8.20 -27.60
N VAL B 319 -28.35 -9.43 -28.04
CA VAL B 319 -27.51 -10.14 -29.01
C VAL B 319 -27.96 -9.74 -30.39
N GLN B 320 -26.99 -9.58 -31.30
CA GLN B 320 -27.27 -9.44 -32.75
C GLN B 320 -26.45 -10.44 -33.51
N VAL B 321 -27.11 -11.31 -34.27
CA VAL B 321 -26.47 -12.28 -35.20
C VAL B 321 -25.99 -11.49 -36.40
N LEU B 322 -24.91 -11.93 -37.04
CA LEU B 322 -24.26 -11.25 -38.19
C LEU B 322 -24.25 -12.20 -39.38
N ASP B 323 -24.88 -11.81 -40.48
CA ASP B 323 -25.00 -12.64 -41.70
C ASP B 323 -23.63 -13.20 -42.07
N VAL B 324 -23.58 -14.34 -42.76
CA VAL B 324 -22.35 -14.84 -43.44
C VAL B 324 -22.74 -15.33 -44.83
N ASN B 325 -21.89 -15.11 -45.84
CA ASN B 325 -22.10 -15.77 -47.15
C ASN B 325 -22.07 -17.23 -46.79
N ASP B 326 -23.25 -17.84 -46.80
CA ASP B 326 -23.53 -19.21 -46.33
C ASP B 326 -24.66 -19.72 -47.23
N ASN B 327 -25.01 -18.90 -48.22
CA ASN B 327 -26.05 -19.24 -49.21
C ASN B 327 -25.56 -18.71 -50.54
N GLU B 328 -25.67 -19.57 -51.54
CA GLU B 328 -25.45 -19.24 -52.96
C GLU B 328 -26.77 -19.00 -53.67
N PRO B 329 -26.80 -18.26 -54.76
CA PRO B 329 -28.05 -18.00 -55.45
C PRO B 329 -28.82 -19.22 -55.91
N ILE B 330 -30.11 -19.05 -56.11
CA ILE B 330 -31.03 -20.09 -56.63
C ILE B 330 -31.96 -19.41 -57.62
N PHE B 331 -32.03 -19.87 -58.87
CA PHE B 331 -32.84 -19.17 -59.90
C PHE B 331 -34.30 -19.37 -59.54
N VAL B 332 -35.16 -18.53 -60.06
CA VAL B 332 -36.57 -18.47 -59.63
C VAL B 332 -37.41 -19.23 -60.62
N SER B 333 -36.88 -19.52 -61.78
CA SER B 333 -37.58 -20.28 -62.83
C SER B 333 -36.64 -21.42 -63.22
N SER B 334 -37.19 -22.56 -63.64
CA SER B 334 -36.39 -23.79 -63.80
C SER B 334 -35.69 -23.84 -65.14
N PRO B 335 -36.44 -23.91 -66.27
CA PRO B 335 -35.83 -24.10 -67.58
C PRO B 335 -35.27 -22.80 -68.19
N PHE B 336 -35.88 -21.64 -68.01
CA PHE B 336 -35.37 -20.39 -68.64
C PHE B 336 -35.30 -20.52 -70.15
N GLN B 337 -36.47 -20.56 -70.78
CA GLN B 337 -36.58 -20.70 -72.25
C GLN B 337 -37.27 -19.45 -72.76
N ALA B 338 -36.88 -18.97 -73.95
CA ALA B 338 -37.61 -17.89 -74.64
C ALA B 338 -37.51 -17.98 -76.16
N THR B 339 -38.40 -17.23 -76.81
CA THR B 339 -38.55 -17.09 -78.27
C THR B 339 -38.35 -15.62 -78.63
N VAL B 340 -37.58 -15.34 -79.66
CA VAL B 340 -37.24 -13.97 -80.12
C VAL B 340 -37.43 -13.95 -81.62
N LEU B 341 -38.40 -13.19 -82.13
CA LEU B 341 -38.53 -12.89 -83.58
C LEU B 341 -37.17 -12.49 -84.17
N GLU B 342 -36.75 -13.07 -85.29
CA GLU B 342 -35.58 -12.51 -86.01
C GLU B 342 -36.01 -11.10 -86.42
N ASN B 343 -35.10 -10.15 -86.62
CA ASN B 343 -35.45 -8.77 -87.04
C ASN B 343 -35.92 -7.91 -85.86
N VAL B 344 -35.99 -8.50 -84.66
CA VAL B 344 -36.16 -7.74 -83.40
C VAL B 344 -35.02 -6.72 -83.37
N PRO B 345 -35.31 -5.42 -83.17
CA PRO B 345 -34.28 -4.39 -83.26
C PRO B 345 -33.23 -4.47 -82.16
N LEU B 346 -32.09 -3.86 -82.41
CA LEU B 346 -30.90 -4.00 -81.54
C LEU B 346 -31.24 -3.53 -80.12
N GLY B 347 -30.87 -4.30 -79.12
CA GLY B 347 -31.02 -3.90 -77.70
C GLY B 347 -32.34 -4.34 -77.11
N TYR B 348 -33.19 -4.98 -77.90
CA TYR B 348 -34.50 -5.45 -77.40
C TYR B 348 -34.28 -6.54 -76.36
N PRO B 349 -35.11 -6.57 -75.31
CA PRO B 349 -34.99 -7.56 -74.26
C PRO B 349 -35.72 -8.87 -74.56
N VAL B 350 -35.02 -10.00 -74.41
CA VAL B 350 -35.44 -11.36 -74.86
C VAL B 350 -35.97 -12.18 -73.68
N VAL B 351 -35.22 -12.23 -72.60
CA VAL B 351 -35.66 -12.96 -71.39
C VAL B 351 -34.97 -12.33 -70.18
N HIS B 352 -35.49 -12.49 -68.98
CA HIS B 352 -35.00 -11.77 -67.79
C HIS B 352 -34.49 -12.80 -66.80
N ILE B 353 -33.19 -12.95 -66.62
CA ILE B 353 -32.68 -14.00 -65.70
C ILE B 353 -32.67 -13.44 -64.28
N GLN B 354 -33.53 -13.96 -63.41
CA GLN B 354 -33.68 -13.45 -62.05
C GLN B 354 -33.36 -14.60 -61.10
N ALA B 355 -32.44 -14.43 -60.17
CA ALA B 355 -32.20 -15.40 -59.09
C ALA B 355 -32.22 -14.71 -57.73
N VAL B 356 -32.17 -15.47 -56.62
CA VAL B 356 -32.22 -14.88 -55.26
C VAL B 356 -31.30 -15.64 -54.30
N ASP B 357 -30.42 -14.91 -53.60
CA ASP B 357 -29.55 -15.42 -52.50
C ASP B 357 -30.22 -14.99 -51.19
N ALA B 358 -30.55 -15.92 -50.32
CA ALA B 358 -31.30 -15.53 -49.11
C ALA B 358 -30.26 -15.15 -48.06
N ASP B 359 -29.59 -14.03 -48.22
CA ASP B 359 -28.52 -13.62 -47.28
C ASP B 359 -28.76 -12.15 -46.96
N SER B 360 -27.90 -11.55 -46.14
CA SER B 360 -27.63 -10.08 -46.00
C SER B 360 -27.61 -9.47 -47.38
N GLY B 361 -28.13 -8.26 -47.52
CA GLY B 361 -27.94 -7.39 -48.69
C GLY B 361 -26.55 -7.51 -49.32
N GLU B 362 -25.45 -7.41 -48.57
CA GLU B 362 -24.15 -7.31 -49.29
C GLU B 362 -23.89 -8.64 -50.03
N ASN B 363 -23.84 -9.76 -49.33
CA ASN B 363 -24.02 -11.08 -49.97
C ASN B 363 -25.35 -10.94 -50.65
N ALA B 364 -25.73 -11.75 -51.59
CA ALA B 364 -27.05 -11.58 -52.26
C ALA B 364 -27.23 -10.30 -53.09
N ARG B 365 -26.29 -9.35 -53.17
CA ARG B 365 -26.29 -8.45 -54.35
C ARG B 365 -25.75 -9.34 -55.48
N LEU B 366 -26.61 -9.63 -56.43
CA LEU B 366 -26.33 -10.59 -57.51
C LEU B 366 -25.87 -9.81 -58.71
N HIS B 367 -24.80 -10.31 -59.31
CA HIS B 367 -24.32 -9.84 -60.62
C HIS B 367 -24.40 -11.04 -61.54
N TYR B 368 -25.12 -10.90 -62.65
CA TYR B 368 -25.27 -11.94 -63.71
C TYR B 368 -24.14 -11.83 -64.75
N ARG B 369 -23.61 -12.99 -65.12
CA ARG B 369 -22.62 -13.18 -66.20
C ARG B 369 -23.08 -14.31 -67.15
N LEU B 370 -22.88 -14.21 -68.47
CA LEU B 370 -23.11 -15.33 -69.43
C LEU B 370 -21.95 -16.32 -69.43
N VAL B 371 -22.19 -17.62 -69.66
CA VAL B 371 -21.11 -18.63 -69.91
C VAL B 371 -21.54 -19.57 -71.04
N ASP B 372 -20.58 -20.30 -71.65
CA ASP B 372 -20.79 -21.44 -72.58
C ASP B 372 -21.49 -20.97 -73.84
N THR B 373 -21.06 -19.81 -74.34
CA THR B 373 -21.71 -19.04 -75.43
C THR B 373 -21.41 -19.69 -76.80
N ALA B 374 -20.17 -19.65 -77.29
CA ALA B 374 -19.85 -20.01 -78.69
C ALA B 374 -18.71 -21.03 -78.71
N PRO B 392 -18.61 -16.67 -87.38
CA PRO B 392 -18.45 -17.17 -85.99
C PRO B 392 -18.67 -16.13 -84.87
N ASP B 393 -19.92 -15.76 -84.53
CA ASP B 393 -20.23 -14.59 -83.65
C ASP B 393 -21.57 -14.72 -82.88
N PHE B 394 -21.55 -14.49 -81.55
CA PHE B 394 -22.70 -14.68 -80.61
C PHE B 394 -23.51 -13.39 -80.45
N PRO B 395 -24.85 -13.45 -80.63
CA PRO B 395 -25.72 -12.25 -80.62
C PRO B 395 -26.50 -11.73 -79.39
N PHE B 396 -26.16 -12.13 -78.16
CA PHE B 396 -26.90 -11.75 -76.93
C PHE B 396 -25.94 -11.31 -75.82
N GLN B 397 -26.28 -10.31 -75.01
CA GLN B 397 -25.58 -10.01 -73.74
C GLN B 397 -26.62 -9.87 -72.62
N ILE B 398 -26.16 -9.65 -71.38
CA ILE B 398 -27.06 -9.34 -70.23
C ILE B 398 -26.61 -8.05 -69.53
N HIS B 399 -27.56 -7.21 -69.08
CA HIS B 399 -27.26 -6.19 -68.04
C HIS B 399 -26.94 -6.94 -66.74
N ASN B 400 -25.93 -6.53 -66.00
CA ASN B 400 -25.32 -7.35 -64.91
C ASN B 400 -26.18 -7.30 -63.66
N SER B 401 -26.73 -6.13 -63.35
CA SER B 401 -27.70 -5.90 -62.26
C SER B 401 -29.06 -6.45 -62.66
N SER B 402 -29.54 -6.07 -63.85
CA SER B 402 -30.87 -6.38 -64.42
C SER B 402 -31.09 -7.88 -64.41
N GLY B 403 -30.21 -8.65 -65.05
CA GLY B 403 -30.46 -10.04 -65.47
C GLY B 403 -30.89 -10.11 -66.92
N TRP B 404 -31.61 -9.09 -67.39
CA TRP B 404 -32.17 -8.97 -68.76
C TRP B 404 -31.13 -9.29 -69.83
N ILE B 405 -31.39 -10.35 -70.59
CA ILE B 405 -30.67 -10.71 -71.83
C ILE B 405 -31.22 -9.85 -72.97
N THR B 406 -30.44 -8.92 -73.49
CA THR B 406 -30.77 -8.14 -74.71
C THR B 406 -30.17 -8.80 -75.98
N VAL B 407 -30.71 -8.44 -77.14
CA VAL B 407 -30.12 -8.70 -78.49
C VAL B 407 -28.97 -7.73 -78.73
N CYS B 408 -27.97 -8.21 -79.45
CA CYS B 408 -26.63 -7.61 -79.47
C CYS B 408 -26.06 -7.61 -80.88
N ALA B 409 -26.78 -8.15 -81.85
CA ALA B 409 -26.44 -8.19 -83.30
C ALA B 409 -27.60 -8.84 -84.03
N GLU B 410 -27.78 -8.58 -85.33
CA GLU B 410 -29.00 -9.05 -86.05
C GLU B 410 -28.95 -10.58 -86.13
N LEU B 411 -30.13 -11.16 -86.34
CA LEU B 411 -30.41 -12.61 -86.23
C LEU B 411 -30.85 -13.10 -87.60
N ASP B 412 -30.34 -14.27 -88.00
CA ASP B 412 -30.73 -15.01 -89.23
C ASP B 412 -31.22 -16.39 -88.81
N ARG B 413 -32.48 -16.71 -89.10
CA ARG B 413 -33.07 -17.99 -88.64
C ARG B 413 -32.35 -19.17 -89.31
N GLU B 414 -32.20 -19.17 -90.65
CA GLU B 414 -31.53 -20.25 -91.45
C GLU B 414 -30.08 -20.49 -90.98
N GLU B 415 -29.31 -19.42 -90.74
CA GLU B 415 -27.93 -19.51 -90.20
C GLU B 415 -27.94 -20.34 -88.91
N VAL B 416 -28.68 -19.87 -87.89
CA VAL B 416 -28.87 -20.48 -86.54
C VAL B 416 -30.29 -20.19 -86.04
N GLU B 417 -30.93 -21.20 -85.44
CA GLU B 417 -32.36 -21.17 -85.05
C GLU B 417 -32.54 -21.41 -83.55
N HIS B 418 -31.54 -21.98 -82.86
CA HIS B 418 -31.56 -22.23 -81.40
C HIS B 418 -30.17 -21.99 -80.80
N TYR B 419 -30.11 -21.38 -79.63
CA TYR B 419 -28.87 -21.16 -78.87
C TYR B 419 -29.06 -21.79 -77.49
N SER B 420 -28.13 -22.60 -76.98
CA SER B 420 -28.24 -23.05 -75.58
C SER B 420 -26.91 -22.80 -74.86
N PHE B 421 -26.86 -21.66 -74.18
CA PHE B 421 -25.69 -21.24 -73.37
C PHE B 421 -26.03 -21.44 -71.91
N GLY B 422 -25.09 -21.10 -71.03
CA GLY B 422 -25.24 -20.96 -69.58
C GLY B 422 -25.26 -19.50 -69.15
N VAL B 423 -25.94 -19.20 -68.05
CA VAL B 423 -25.96 -17.88 -67.35
C VAL B 423 -25.62 -18.16 -65.88
N GLU B 424 -24.99 -17.24 -65.20
CA GLU B 424 -24.37 -17.55 -63.90
C GLU B 424 -24.60 -16.38 -62.97
N ALA B 425 -24.61 -16.63 -61.67
CA ALA B 425 -25.01 -15.63 -60.69
C ALA B 425 -23.99 -15.63 -59.54
N VAL B 426 -23.53 -14.44 -59.19
CA VAL B 426 -22.48 -14.22 -58.16
C VAL B 426 -22.98 -13.22 -57.14
N ASP B 427 -22.63 -13.49 -55.90
CA ASP B 427 -22.88 -12.59 -54.77
C ASP B 427 -21.56 -11.94 -54.45
N HIS B 428 -21.56 -10.62 -54.42
CA HIS B 428 -20.48 -9.85 -53.76
C HIS B 428 -20.45 -10.24 -52.27
N GLY B 429 -19.47 -11.03 -51.85
CA GLY B 429 -19.30 -11.48 -50.46
C GLY B 429 -17.92 -12.04 -50.30
N SER B 430 -17.46 -12.37 -49.09
CA SER B 430 -16.03 -12.67 -48.77
C SER B 430 -15.47 -13.85 -49.57
N PRO B 431 -15.91 -15.09 -49.35
CA PRO B 431 -15.83 -16.10 -50.40
C PRO B 431 -17.12 -15.99 -51.18
N PRO B 432 -17.15 -15.30 -52.34
CA PRO B 432 -18.37 -15.15 -53.10
C PRO B 432 -18.90 -16.54 -53.48
N MET B 433 -20.21 -16.76 -53.35
CA MET B 433 -20.86 -17.99 -53.84
C MET B 433 -21.47 -17.74 -55.22
N SER B 434 -21.93 -18.79 -55.88
CA SER B 434 -22.28 -18.72 -57.32
C SER B 434 -23.13 -19.91 -57.69
N SER B 435 -24.03 -19.71 -58.64
CA SER B 435 -24.87 -20.77 -59.23
C SER B 435 -25.05 -20.44 -60.71
N SER B 436 -25.25 -21.44 -61.56
CA SER B 436 -25.59 -21.26 -63.00
C SER B 436 -26.68 -22.24 -63.45
N THR B 437 -27.44 -21.86 -64.47
CA THR B 437 -28.38 -22.73 -65.23
C THR B 437 -28.22 -22.42 -66.71
N SER B 438 -28.96 -23.16 -67.53
CA SER B 438 -28.95 -23.09 -68.98
C SER B 438 -30.04 -22.14 -69.42
N VAL B 439 -29.86 -21.55 -70.57
CA VAL B 439 -30.82 -20.62 -71.20
C VAL B 439 -30.98 -21.10 -72.63
N SER B 440 -32.21 -21.27 -73.08
CA SER B 440 -32.49 -21.81 -74.43
C SER B 440 -33.30 -20.78 -75.21
N ILE B 441 -32.68 -20.20 -76.23
CA ILE B 441 -33.35 -19.15 -77.05
C ILE B 441 -33.46 -19.65 -78.48
N THR B 442 -34.67 -19.55 -79.00
CA THR B 442 -35.06 -20.08 -80.32
C THR B 442 -35.56 -18.94 -81.20
N VAL B 443 -34.95 -18.77 -82.37
CA VAL B 443 -35.15 -17.61 -83.27
C VAL B 443 -36.39 -17.89 -84.12
N LEU B 444 -37.45 -17.13 -83.93
CA LEU B 444 -38.68 -17.29 -84.74
C LEU B 444 -38.48 -16.68 -86.13
N ASP B 445 -39.34 -17.04 -87.09
CA ASP B 445 -39.28 -16.52 -88.48
C ASP B 445 -39.66 -15.03 -88.50
N VAL B 446 -39.34 -14.32 -89.61
CA VAL B 446 -39.74 -12.90 -89.87
C VAL B 446 -41.17 -12.68 -89.34
N ASN B 447 -42.14 -13.52 -89.71
CA ASN B 447 -43.56 -13.52 -89.22
C ASN B 447 -43.99 -12.12 -88.75
NA NA C . 36.05 -36.47 15.88
CA CA D . 39.03 -34.82 13.15
CA CA E . 37.56 -30.56 8.71
CA CA F . 27.61 7.52 -9.45
CA CA G . 26.23 9.40 -5.34
CA CA H . 24.36 15.42 -6.07
CA CA I . -0.92 49.58 -16.69
CA CA J . -3.07 47.06 -19.03
CA CA K . -8.53 49.72 -21.71
CA CA L . -8.94 3.90 49.90
NA NA M . -5.62 2.71 50.23
CA CA N . -10.87 5.75 44.08
NA NA O . -28.19 -0.16 4.45
CA CA P . -25.19 -4.46 3.94
CA CA Q . -27.10 -8.16 -1.51
CA CA R . -27.67 -20.05 -42.19
CA CA S . -26.18 -15.79 -44.58
CA CA T . -24.84 -15.26 -50.63
#